data_6HZV
#
_entry.id   6HZV
#
_cell.length_a   57.072
_cell.length_b   112.814
_cell.length_c   104.466
_cell.angle_alpha   90.00
_cell.angle_beta   98.30
_cell.angle_gamma   90.00
#
_symmetry.space_group_name_H-M   'P 1 21 1'
#
loop_
_entity.id
_entity.type
_entity.pdbx_description
1 polymer 'Tyrosine-protein kinase JAK3'
2 non-polymer 3-[7-(2-hydroxyethyl)-9-(oxan-4-yl)-8-oxidanylidene-purin-2-yl]imidazo[1,2-a]pyridine-6-carbonitrile
3 water water
#
_entity_poly.entity_id   1
_entity_poly.type   'polypeptide(L)'
_entity_poly.pdbx_seq_one_letter_code
;TIFEERHLKYISQLGKGNFGSVELCRYDPLGDNTGALVAVKQLQHSGPDQQRDFQREIQILKALHSDFIVKYRGVSYGPG
RQSLRLVMEYLPSGCLRDFLQRHRARLDASRLLLYSSQICKGMEYLGSRRCVHRDLAARNILVESEAHVKIADFGLAKLL
PLDKD(PTR)(PTR)VVREPGQSPIFWYAPESLSDNIFSRQSDVWSFGVVLYELFTYCDKSCSPSAEFLRMMGCERDVPA
LSRLLELLEEGQRLPAPPACPAEVHELMKLCWAPSPQDRPSFSALGPQLDMLW
;
_entity_poly.pdbx_strand_id   A,B,C,D
#
# COMPACT_ATOMS: atom_id res chain seq x y z
N THR A 1 -56.36 4.91 11.91
CA THR A 1 -56.09 5.22 13.35
C THR A 1 -55.69 4.00 14.20
N ILE A 2 -56.13 2.82 13.81
CA ILE A 2 -55.66 1.57 14.44
C ILE A 2 -54.91 0.72 13.42
N PHE A 3 -53.58 0.69 13.56
CA PHE A 3 -52.71 -0.03 12.64
C PHE A 3 -52.47 -1.44 13.15
N GLU A 4 -52.76 -2.42 12.31
CA GLU A 4 -52.60 -3.82 12.69
C GLU A 4 -51.11 -4.20 12.70
N GLU A 5 -50.69 -4.86 13.77
CA GLU A 5 -49.30 -5.26 13.97
C GLU A 5 -48.73 -6.07 12.79
N ARG A 6 -49.49 -7.06 12.33
CA ARG A 6 -49.03 -7.97 11.28
C ARG A 6 -48.83 -7.29 9.92
N HIS A 7 -49.38 -6.08 9.75
CA HIS A 7 -49.24 -5.34 8.50
C HIS A 7 -48.12 -4.30 8.54
N LEU A 8 -47.61 -3.99 9.73
CA LEU A 8 -46.44 -3.11 9.87
C LEU A 8 -45.17 -3.89 9.58
N LYS A 9 -44.55 -3.62 8.44
CA LYS A 9 -43.31 -4.31 8.05
C LYS A 9 -42.10 -3.54 8.58
N TYR A 10 -41.36 -4.16 9.49
CA TYR A 10 -40.15 -3.54 10.05
C TYR A 10 -39.09 -3.39 8.97
N ILE A 11 -38.51 -2.19 8.88
CA ILE A 11 -37.45 -1.92 7.92
C ILE A 11 -36.11 -1.71 8.64
N SER A 12 -36.03 -0.67 9.47
CA SER A 12 -34.81 -0.37 10.20
C SER A 12 -35.07 0.52 11.41
N GLN A 13 -34.00 0.82 12.14
CA GLN A 13 -34.08 1.60 13.36
C GLN A 13 -33.83 3.08 13.05
N LEU A 14 -34.74 3.96 13.47
CA LEU A 14 -34.57 5.40 13.27
C LEU A 14 -33.84 6.07 14.44
N GLY A 15 -33.98 5.52 15.64
CA GLY A 15 -33.24 6.01 16.80
C GLY A 15 -34.04 5.98 18.08
N LYS A 16 -33.40 6.39 19.16
CA LYS A 16 -34.02 6.45 20.47
C LYS A 16 -34.24 7.90 20.89
N GLY A 17 -35.44 8.20 21.37
CA GLY A 17 -35.74 9.53 21.92
C GLY A 17 -35.20 9.70 23.33
N ASN A 18 -36.01 10.30 24.19
CA ASN A 18 -35.63 10.51 25.61
C ASN A 18 -36.22 9.41 26.47
N PHE A 19 -36.60 8.30 25.83
CA PHE A 19 -37.77 7.58 26.26
C PHE A 19 -37.78 6.13 25.78
N GLY A 20 -37.89 5.93 24.47
CA GLY A 20 -38.03 4.61 23.89
C GLY A 20 -37.25 4.46 22.60
N SER A 21 -37.78 3.64 21.69
CA SER A 21 -37.15 3.36 20.40
C SER A 21 -38.10 3.73 19.28
N VAL A 22 -37.58 4.36 18.23
CA VAL A 22 -38.36 4.65 17.03
C VAL A 22 -37.83 3.80 15.88
N GLU A 23 -38.77 3.21 15.13
CA GLU A 23 -38.44 2.31 14.03
C GLU A 23 -39.13 2.76 12.75
N LEU A 24 -38.42 2.65 11.65
CA LEU A 24 -39.01 2.86 10.33
C LEU A 24 -39.73 1.58 9.93
N CYS A 25 -41.00 1.71 9.55
CA CYS A 25 -41.80 0.59 9.07
C CYS A 25 -42.58 1.01 7.84
N ARG A 26 -43.04 0.01 7.08
CA ARG A 26 -44.01 0.25 6.01
C ARG A 26 -45.31 -0.42 6.40
N TYR A 27 -46.35 0.37 6.61
CA TYR A 27 -47.68 -0.19 6.81
C TYR A 27 -48.20 -0.66 5.46
N ASP A 28 -48.20 -1.97 5.26
CA ASP A 28 -48.40 -2.57 3.95
C ASP A 28 -49.49 -3.64 3.99
N PRO A 29 -50.76 -3.22 4.18
CA PRO A 29 -51.87 -4.18 4.28
C PRO A 29 -52.09 -5.02 3.02
N LEU A 30 -51.90 -4.43 1.84
CA LEU A 30 -52.14 -5.13 0.57
C LEU A 30 -51.06 -6.16 0.25
N GLY A 31 -49.85 -5.96 0.77
CA GLY A 31 -48.75 -6.92 0.63
C GLY A 31 -47.87 -6.70 -0.59
N ASP A 32 -48.08 -5.61 -1.33
CA ASP A 32 -47.36 -5.36 -2.58
C ASP A 32 -46.06 -4.58 -2.37
N ASN A 33 -45.80 -4.20 -1.11
CA ASN A 33 -44.73 -3.25 -0.78
C ASN A 33 -45.02 -1.86 -1.35
N THR A 34 -46.30 -1.56 -1.57
CA THR A 34 -46.75 -0.25 -2.05
C THR A 34 -47.17 0.65 -0.89
N GLY A 35 -47.23 0.09 0.31
CA GLY A 35 -47.72 0.81 1.49
C GLY A 35 -46.89 2.03 1.88
N ALA A 36 -47.46 2.86 2.73
CA ALA A 36 -46.81 4.11 3.16
C ALA A 36 -45.81 3.84 4.27
N LEU A 37 -44.68 4.54 4.22
CA LEU A 37 -43.67 4.46 5.28
C LEU A 37 -44.18 5.22 6.49
N VAL A 38 -43.92 4.66 7.68
CA VAL A 38 -44.33 5.27 8.94
C VAL A 38 -43.24 5.14 9.99
N ALA A 39 -43.20 6.08 10.93
CA ALA A 39 -42.31 5.99 12.07
C ALA A 39 -43.11 5.46 13.25
N VAL A 40 -42.59 4.41 13.89
CA VAL A 40 -43.31 3.74 14.96
C VAL A 40 -42.47 3.76 16.23
N LYS A 41 -43.00 4.40 17.28
CA LYS A 41 -42.33 4.48 18.57
C LYS A 41 -42.90 3.48 19.58
N GLN A 42 -42.04 2.87 20.38
CA GLN A 42 -42.47 1.98 21.47
C GLN A 42 -41.44 1.89 22.60
N LEU A 43 -41.86 1.29 23.72
CA LEU A 43 -41.01 1.12 24.90
C LEU A 43 -40.54 -0.32 25.03
N GLN A 44 -39.51 -0.52 25.84
CA GLN A 44 -38.98 -1.86 26.13
C GLN A 44 -38.09 -1.87 27.36
N GLY A 47 -40.72 0.24 32.32
CA GLY A 47 -41.28 0.49 33.64
C GLY A 47 -42.60 1.26 33.61
N PRO A 48 -43.36 1.22 34.72
CA PRO A 48 -44.68 1.88 34.79
C PRO A 48 -44.64 3.40 34.62
N ASP A 49 -43.55 4.02 35.09
CA ASP A 49 -43.40 5.47 35.07
C ASP A 49 -43.33 6.04 33.65
N GLN A 50 -42.63 5.33 32.77
CA GLN A 50 -42.53 5.76 31.36
C GLN A 50 -43.68 5.23 30.51
N GLN A 51 -44.31 4.12 30.93
CA GLN A 51 -45.55 3.65 30.29
C GLN A 51 -46.69 4.67 30.49
N ARG A 52 -46.63 5.38 31.62
CA ARG A 52 -47.58 6.44 31.94
C ARG A 52 -47.32 7.68 31.11
N ASP A 53 -46.06 8.11 31.07
CA ASP A 53 -45.65 9.27 30.28
C ASP A 53 -45.85 9.04 28.77
N PHE A 54 -45.75 7.78 28.34
CA PHE A 54 -45.98 7.40 26.96
C PHE A 54 -47.45 7.59 26.56
N GLN A 55 -48.35 7.16 27.44
CA GLN A 55 -49.79 7.32 27.21
C GLN A 55 -50.18 8.78 27.11
N ARG A 56 -49.50 9.66 27.85
CA ARG A 56 -49.71 11.10 27.76
C ARG A 56 -49.19 11.63 26.44
N GLU A 57 -47.95 11.25 26.09
CA GLU A 57 -47.30 11.68 24.84
C GLU A 57 -48.16 11.35 23.62
N ILE A 58 -48.76 10.16 23.61
CA ILE A 58 -49.63 9.75 22.52
C ILE A 58 -50.80 10.72 22.40
N GLN A 59 -51.43 11.03 23.53
CA GLN A 59 -52.59 11.92 23.56
C GLN A 59 -52.22 13.37 23.18
N ILE A 60 -51.03 13.83 23.60
CA ILE A 60 -50.57 15.18 23.25
C ILE A 60 -50.38 15.32 21.75
N LEU A 61 -49.60 14.42 21.15
CA LEU A 61 -49.32 14.44 19.72
C LEU A 61 -50.62 14.30 18.92
N LYS A 62 -51.53 13.50 19.45
CA LYS A 62 -52.81 13.25 18.81
C LYS A 62 -53.64 14.53 18.73
N ALA A 63 -53.57 15.36 19.77
CA ALA A 63 -54.38 16.57 19.85
C ALA A 63 -53.75 17.78 19.15
N LEU A 64 -52.43 17.74 18.92
CA LEU A 64 -51.73 18.85 18.26
C LEU A 64 -51.88 18.76 16.74
N HIS A 65 -52.23 19.89 16.13
CA HIS A 65 -52.44 19.97 14.67
C HIS A 65 -51.75 21.21 14.10
N SER A 66 -50.63 20.99 13.42
CA SER A 66 -49.82 22.07 12.90
C SER A 66 -48.92 21.55 11.80
N ASP A 67 -48.65 22.39 10.81
CA ASP A 67 -47.75 22.04 9.71
C ASP A 67 -46.32 21.79 10.21
N PHE A 68 -45.99 22.30 11.39
CA PHE A 68 -44.61 22.27 11.90
C PHE A 68 -44.44 21.36 13.13
N ILE A 69 -45.38 20.42 13.30
CA ILE A 69 -45.30 19.39 14.35
C ILE A 69 -45.60 18.04 13.70
N VAL A 70 -44.78 17.02 14.00
CA VAL A 70 -44.94 15.70 13.37
C VAL A 70 -46.38 15.25 13.50
N LYS A 71 -46.92 14.68 12.43
CA LYS A 71 -48.30 14.26 12.43
C LYS A 71 -48.46 12.91 13.11
N TYR A 72 -49.38 12.85 14.06
CA TYR A 72 -49.89 11.60 14.60
C TYR A 72 -50.73 10.92 13.52
N ARG A 73 -50.61 9.61 13.43
CA ARG A 73 -51.45 8.83 12.51
C ARG A 73 -52.26 7.74 13.21
N GLY A 74 -51.72 7.15 14.27
CA GLY A 74 -52.48 6.16 15.04
C GLY A 74 -51.65 5.36 16.01
N VAL A 75 -52.21 4.24 16.45
CA VAL A 75 -51.56 3.34 17.40
C VAL A 75 -51.70 1.89 16.94
N SER A 76 -50.78 1.05 17.38
CA SER A 76 -50.84 -0.37 17.10
C SER A 76 -50.80 -1.19 18.40
N TYR A 77 -51.78 -2.08 18.55
CA TYR A 77 -51.84 -3.01 19.68
C TYR A 77 -51.26 -4.35 19.25
N GLN A 82 -50.70 -7.25 22.72
CA GLN A 82 -50.80 -6.71 24.08
C GLN A 82 -49.64 -5.74 24.38
N SER A 83 -49.50 -4.72 23.55
CA SER A 83 -48.37 -3.79 23.63
C SER A 83 -48.63 -2.54 22.77
N LEU A 84 -48.42 -1.36 23.37
CA LEU A 84 -48.83 -0.10 22.76
C LEU A 84 -47.70 0.55 21.96
N ARG A 85 -47.96 0.80 20.67
CA ARG A 85 -47.00 1.45 19.78
C ARG A 85 -47.62 2.70 19.16
N LEU A 86 -46.80 3.72 18.94
CA LEU A 86 -47.25 5.02 18.41
C LEU A 86 -46.84 5.18 16.94
N VAL A 87 -47.82 5.27 16.04
CA VAL A 87 -47.56 5.41 14.61
C VAL A 87 -47.63 6.88 14.17
N MET A 88 -46.56 7.35 13.53
CA MET A 88 -46.45 8.73 13.06
C MET A 88 -46.06 8.73 11.58
N GLU A 89 -46.35 9.83 10.89
CA GLU A 89 -45.88 10.02 9.51
C GLU A 89 -44.36 9.90 9.47
N TYR A 90 -43.82 9.39 8.38
CA TYR A 90 -42.37 9.30 8.19
C TYR A 90 -41.86 10.48 7.36
N LEU A 91 -40.91 11.22 7.93
CA LEU A 91 -40.24 12.33 7.25
C LEU A 91 -38.88 11.84 6.73
N PRO A 92 -38.79 11.55 5.42
CA PRO A 92 -37.67 10.75 4.90
C PRO A 92 -36.31 11.45 4.85
N SER A 93 -36.29 12.78 4.92
CA SER A 93 -35.03 13.51 4.95
C SER A 93 -34.39 13.46 6.34
N GLY A 94 -35.14 12.93 7.31
CA GLY A 94 -34.59 12.59 8.61
C GLY A 94 -34.44 13.77 9.57
N CYS A 95 -33.47 13.62 10.46
CA CYS A 95 -33.22 14.59 11.51
C CYS A 95 -32.54 15.82 10.93
N LEU A 96 -32.88 16.99 11.47
CA LEU A 96 -32.29 18.26 11.04
C LEU A 96 -30.80 18.35 11.34
N ARG A 97 -30.40 17.85 12.51
CA ARG A 97 -29.00 17.83 12.90
C ARG A 97 -28.14 17.23 11.80
N ASP A 98 -28.48 16.01 11.39
CA ASP A 98 -27.75 15.30 10.34
C ASP A 98 -27.89 15.98 8.98
N PHE A 99 -29.11 16.44 8.69
CA PHE A 99 -29.40 17.13 7.43
C PHE A 99 -28.48 18.34 7.23
N LEU A 100 -28.38 19.17 8.25
CA LEU A 100 -27.55 20.38 8.19
C LEU A 100 -26.08 20.08 7.95
N GLN A 101 -25.56 19.03 8.61
CA GLN A 101 -24.17 18.61 8.42
C GLN A 101 -23.93 18.08 7.02
N ARG A 102 -24.89 17.30 6.51
CA ARG A 102 -24.76 16.68 5.19
C ARG A 102 -24.82 17.71 4.06
N HIS A 103 -25.85 18.56 4.07
CA HIS A 103 -26.13 19.46 2.96
C HIS A 103 -25.75 20.92 3.24
N ARG A 104 -24.73 21.11 4.06
CA ARG A 104 -24.26 22.45 4.43
C ARG A 104 -23.95 23.33 3.21
N ALA A 105 -23.36 22.73 2.19
CA ALA A 105 -22.87 23.46 1.02
C ALA A 105 -23.97 24.15 0.22
N ARG A 106 -25.20 23.63 0.31
CA ARG A 106 -26.32 24.14 -0.48
C ARG A 106 -27.44 24.75 0.36
N LEU A 107 -27.10 25.23 1.56
CA LEU A 107 -28.06 25.86 2.46
C LEU A 107 -27.55 27.22 2.96
N ASP A 108 -27.96 28.30 2.30
CA ASP A 108 -27.56 29.65 2.70
C ASP A 108 -28.34 30.14 3.93
N ALA A 109 -28.03 31.36 4.37
CA ALA A 109 -28.66 31.96 5.55
C ALA A 109 -30.18 32.08 5.43
N SER A 110 -30.64 32.41 4.22
CA SER A 110 -32.07 32.56 3.96
C SER A 110 -32.84 31.28 4.28
N ARG A 111 -32.24 30.15 3.96
CA ARG A 111 -32.87 28.86 4.20
C ARG A 111 -32.85 28.49 5.68
N LEU A 112 -31.78 28.86 6.37
CA LEU A 112 -31.71 28.65 7.82
C LEU A 112 -32.77 29.47 8.53
N LEU A 113 -32.94 30.72 8.11
CA LEU A 113 -33.99 31.58 8.65
C LEU A 113 -35.38 30.97 8.43
N LEU A 114 -35.57 30.34 7.27
CA LEU A 114 -36.84 29.69 6.96
C LEU A 114 -37.15 28.58 7.98
N TYR A 115 -36.14 27.79 8.33
CA TYR A 115 -36.30 26.74 9.34
C TYR A 115 -36.60 27.35 10.71
N SER A 116 -35.83 28.38 11.07
CA SER A 116 -36.02 29.10 12.34
C SER A 116 -37.46 29.60 12.48
N SER A 117 -37.96 30.21 11.43
CA SER A 117 -39.33 30.72 11.37
C SER A 117 -40.37 29.60 11.51
N GLN A 118 -40.14 28.47 10.85
CA GLN A 118 -41.08 27.35 10.89
C GLN A 118 -41.14 26.71 12.26
N ILE A 119 -39.98 26.58 12.91
CA ILE A 119 -39.88 26.07 14.28
C ILE A 119 -40.55 27.06 15.24
N CYS A 120 -40.26 28.34 15.06
CA CYS A 120 -40.87 29.40 15.86
C CYS A 120 -42.41 29.34 15.82
N LYS A 121 -42.95 29.13 14.62
CA LYS A 121 -44.41 28.99 14.44
C LYS A 121 -44.96 27.70 15.06
N GLY A 122 -44.18 26.62 14.97
CA GLY A 122 -44.51 25.38 15.66
C GLY A 122 -44.54 25.59 17.17
N MET A 123 -43.56 26.33 17.68
CA MET A 123 -43.47 26.60 19.11
C MET A 123 -44.54 27.56 19.57
N GLU A 124 -44.85 28.57 18.75
CA GLU A 124 -45.94 29.48 19.05
C GLU A 124 -47.25 28.73 19.22
N TYR A 125 -47.47 27.71 18.39
CA TYR A 125 -48.67 26.89 18.46
C TYR A 125 -48.70 26.09 19.77
N LEU A 126 -47.59 25.42 20.10
CA LEU A 126 -47.50 24.66 21.36
C LEU A 126 -47.87 25.51 22.56
N GLY A 127 -47.31 26.71 22.63
CA GLY A 127 -47.61 27.65 23.71
C GLY A 127 -49.09 27.92 23.85
N SER A 128 -49.78 28.08 22.72
CA SER A 128 -51.23 28.30 22.73
C SER A 128 -52.03 27.06 23.11
N ARG A 129 -51.41 25.89 23.02
CA ARG A 129 -51.99 24.66 23.56
C ARG A 129 -51.47 24.40 24.96
N ARG A 130 -50.80 25.39 25.54
CA ARG A 130 -50.29 25.34 26.91
C ARG A 130 -49.38 24.13 27.11
N CYS A 131 -48.56 23.87 26.11
CA CYS A 131 -47.70 22.70 26.09
C CYS A 131 -46.24 23.14 26.06
N VAL A 132 -45.44 22.54 26.94
CA VAL A 132 -44.02 22.86 27.04
C VAL A 132 -43.23 21.65 26.55
N HIS A 133 -42.49 21.82 25.46
CA HIS A 133 -41.73 20.73 24.85
C HIS A 133 -40.65 20.16 25.78
N ARG A 134 -39.93 21.05 26.46
CA ARG A 134 -38.88 20.69 27.44
C ARG A 134 -37.60 20.10 26.85
N ASP A 135 -37.59 19.81 25.55
CA ASP A 135 -36.39 19.27 24.90
C ASP A 135 -36.26 19.78 23.47
N LEU A 136 -36.54 21.06 23.26
CA LEU A 136 -36.37 21.64 21.95
C LEU A 136 -34.89 21.66 21.60
N ALA A 137 -34.53 20.96 20.52
CA ALA A 137 -33.16 20.89 20.04
C ALA A 137 -33.14 20.35 18.61
N ALA A 138 -32.07 20.63 17.87
CA ALA A 138 -31.94 20.22 16.48
C ALA A 138 -32.10 18.72 16.30
N ARG A 139 -31.58 17.94 17.25
CA ARG A 139 -31.75 16.48 17.21
C ARG A 139 -33.22 16.04 17.26
N ASN A 140 -34.09 16.89 17.79
CA ASN A 140 -35.54 16.59 17.85
C ASN A 140 -36.37 17.32 16.80
N ILE A 141 -35.70 17.98 15.85
CA ILE A 141 -36.37 18.57 14.69
C ILE A 141 -36.20 17.63 13.50
N LEU A 142 -37.25 17.50 12.69
CA LEU A 142 -37.26 16.59 11.55
C LEU A 142 -37.45 17.38 10.28
N VAL A 143 -36.94 16.84 9.17
CA VAL A 143 -36.99 17.53 7.90
C VAL A 143 -38.05 16.86 7.02
N GLU A 144 -39.11 17.61 6.71
CA GLU A 144 -40.17 17.15 5.81
C GLU A 144 -39.69 17.25 4.38
N SER A 145 -39.06 18.38 4.05
CA SER A 145 -38.41 18.58 2.76
C SER A 145 -37.31 19.63 2.93
N GLU A 146 -36.60 19.96 1.86
CA GLU A 146 -35.56 20.97 1.97
C GLU A 146 -36.12 22.36 2.32
N ALA A 147 -37.44 22.52 2.16
CA ALA A 147 -38.11 23.79 2.46
C ALA A 147 -39.05 23.72 3.66
N HIS A 148 -38.98 22.65 4.45
CA HIS A 148 -39.97 22.40 5.49
C HIS A 148 -39.41 21.52 6.62
N VAL A 149 -39.50 22.01 7.86
CA VAL A 149 -39.11 21.22 9.04
C VAL A 149 -40.26 21.11 10.04
N LYS A 150 -40.20 20.08 10.90
CA LYS A 150 -41.23 19.83 11.92
C LYS A 150 -40.61 19.47 13.26
N ILE A 151 -41.26 19.91 14.34
CA ILE A 151 -40.85 19.56 15.70
C ILE A 151 -41.33 18.15 16.05
N ALA A 152 -40.49 17.37 16.73
CA ALA A 152 -40.81 16.01 17.11
C ALA A 152 -40.45 15.71 18.55
N ASP A 153 -40.74 14.50 18.99
CA ASP A 153 -40.38 13.97 20.32
C ASP A 153 -41.03 14.77 21.45
N PHE A 154 -42.22 14.33 21.85
CA PHE A 154 -42.95 14.96 22.94
C PHE A 154 -43.00 14.05 24.17
N GLY A 155 -41.97 13.21 24.32
CA GLY A 155 -41.85 12.30 25.46
C GLY A 155 -41.59 13.01 26.78
N LEU A 156 -40.90 14.15 26.74
CA LEU A 156 -40.67 14.96 27.92
C LEU A 156 -41.66 16.13 28.02
N ALA A 157 -42.64 16.16 27.13
CA ALA A 157 -43.56 17.30 27.04
C ALA A 157 -44.48 17.36 28.26
N LYS A 158 -44.69 18.58 28.76
CA LYS A 158 -45.56 18.80 29.91
C LYS A 158 -46.64 19.80 29.52
N LEU A 159 -47.83 19.61 30.06
CA LEU A 159 -48.94 20.54 29.87
C LEU A 159 -49.05 21.40 31.11
N LEU A 160 -48.98 22.71 30.92
CA LEU A 160 -49.06 23.65 32.03
C LEU A 160 -50.41 23.47 32.72
N PRO A 161 -50.42 23.49 34.07
CA PRO A 161 -51.71 23.48 34.74
C PRO A 161 -52.55 24.66 34.29
N LEU A 162 -53.86 24.49 34.26
CA LEU A 162 -54.75 25.49 33.67
C LEU A 162 -54.76 26.83 34.42
N ASP A 163 -54.11 26.88 35.58
CA ASP A 163 -54.01 28.10 36.39
C ASP A 163 -52.55 28.55 36.65
N LYS A 164 -51.60 28.02 35.88
CA LYS A 164 -50.18 28.25 36.10
C LYS A 164 -49.41 28.39 34.78
N ASP A 165 -48.47 29.33 34.73
CA ASP A 165 -47.63 29.54 33.54
C ASP A 165 -46.29 28.80 33.62
N VAL A 168 -43.00 22.65 37.68
CA VAL A 168 -41.78 22.15 38.31
C VAL A 168 -41.69 20.64 38.08
N VAL A 169 -40.48 20.15 37.85
CA VAL A 169 -40.26 18.74 37.47
C VAL A 169 -39.41 17.97 38.50
N ARG A 170 -39.69 16.68 38.65
CA ARG A 170 -39.01 15.77 39.59
C ARG A 170 -37.65 16.29 40.07
N PRO A 176 -29.58 16.27 28.71
CA PRO A 176 -28.50 17.14 28.27
C PRO A 176 -28.69 18.58 28.73
N ILE A 177 -27.75 19.07 29.52
CA ILE A 177 -27.89 20.34 30.24
C ILE A 177 -27.64 21.61 29.41
N PHE A 178 -27.05 21.47 28.23
CA PHE A 178 -26.59 22.63 27.46
C PHE A 178 -27.70 23.36 26.69
N TRP A 179 -28.94 22.85 26.79
CA TRP A 179 -30.12 23.50 26.22
C TRP A 179 -31.04 24.06 27.30
N TYR A 180 -30.71 23.82 28.57
CA TYR A 180 -31.57 24.17 29.68
C TYR A 180 -31.41 25.64 30.09
N ALA A 181 -32.54 26.28 30.39
CA ALA A 181 -32.52 27.63 30.93
C ALA A 181 -32.03 27.58 32.38
N PRO A 182 -31.48 28.71 32.90
CA PRO A 182 -30.93 28.75 34.26
C PRO A 182 -31.87 28.25 35.36
N GLU A 183 -33.10 28.77 35.38
CA GLU A 183 -34.08 28.36 36.40
C GLU A 183 -34.44 26.87 36.31
N SER A 184 -34.30 26.27 35.13
CA SER A 184 -34.51 24.84 34.96
C SER A 184 -33.36 24.07 35.61
N LEU A 185 -32.13 24.52 35.36
CA LEU A 185 -30.96 23.91 35.99
C LEU A 185 -31.02 24.02 37.51
N SER A 186 -31.31 25.22 38.01
CA SER A 186 -31.23 25.51 39.44
C SER A 186 -32.45 25.00 40.23
N ASP A 187 -33.65 25.24 39.72
CA ASP A 187 -34.89 24.96 40.46
C ASP A 187 -35.84 23.99 39.76
N ASN A 188 -35.38 23.35 38.69
CA ASN A 188 -36.20 22.39 37.93
C ASN A 188 -37.51 22.99 37.41
N ILE A 189 -37.52 24.30 37.15
CA ILE A 189 -38.70 25.01 36.68
C ILE A 189 -38.70 25.05 35.16
N PHE A 190 -39.85 24.73 34.56
CA PHE A 190 -39.99 24.73 33.11
C PHE A 190 -41.23 25.52 32.70
N SER A 191 -41.18 26.11 31.51
CA SER A 191 -42.26 26.96 31.02
C SER A 191 -42.10 27.24 29.53
N ARG A 192 -43.02 27.99 28.95
CA ARG A 192 -42.88 28.43 27.57
C ARG A 192 -41.61 29.26 27.41
N GLN A 193 -41.27 30.01 28.45
CA GLN A 193 -40.08 30.86 28.45
C GLN A 193 -38.78 30.04 28.51
N SER A 194 -38.80 28.90 29.20
CA SER A 194 -37.66 27.99 29.17
C SER A 194 -37.53 27.35 27.78
N ASP A 195 -38.65 27.18 27.08
CA ASP A 195 -38.64 26.74 25.68
C ASP A 195 -37.98 27.80 24.78
N VAL A 196 -38.24 29.08 25.08
CA VAL A 196 -37.63 30.19 24.33
C VAL A 196 -36.11 30.18 24.46
N TRP A 197 -35.60 30.01 25.68
CA TRP A 197 -34.17 29.86 25.93
C TRP A 197 -33.59 28.77 25.02
N SER A 198 -34.24 27.62 25.00
CA SER A 198 -33.79 26.48 24.18
C SER A 198 -33.88 26.79 22.69
N PHE A 199 -34.87 27.57 22.29
CA PHE A 199 -34.98 28.03 20.90
C PHE A 199 -33.75 28.84 20.49
N GLY A 200 -33.25 29.67 21.40
CA GLY A 200 -32.00 30.40 21.18
C GLY A 200 -30.83 29.47 20.89
N VAL A 201 -30.82 28.32 21.54
CA VAL A 201 -29.78 27.31 21.30
C VAL A 201 -29.96 26.62 19.93
N VAL A 202 -31.20 26.39 19.48
CA VAL A 202 -31.38 25.79 18.14
C VAL A 202 -31.01 26.80 17.05
N LEU A 203 -31.29 28.08 17.27
CA LEU A 203 -30.81 29.12 16.36
C LEU A 203 -29.29 29.01 16.23
N TYR A 204 -28.61 28.85 17.36
CA TYR A 204 -27.16 28.64 17.37
C TYR A 204 -26.78 27.39 16.58
N GLU A 205 -27.52 26.30 16.79
CA GLU A 205 -27.28 25.05 16.06
C GLU A 205 -27.50 25.22 14.55
N LEU A 206 -28.58 25.91 14.18
CA LEU A 206 -28.89 26.16 12.77
C LEU A 206 -27.74 26.88 12.08
N PHE A 207 -27.26 27.95 12.72
CA PHE A 207 -26.25 28.81 12.10
C PHE A 207 -24.79 28.37 12.35
N THR A 208 -24.60 27.25 13.04
CA THR A 208 -23.32 26.52 13.02
C THR A 208 -23.43 25.23 12.18
N TYR A 209 -24.60 25.04 11.54
CA TYR A 209 -24.89 23.85 10.75
C TYR A 209 -24.74 22.54 11.55
N CYS A 210 -25.03 22.63 12.85
CA CYS A 210 -24.84 21.51 13.80
C CYS A 210 -23.45 20.88 13.72
N ASP A 211 -22.43 21.73 13.52
CA ASP A 211 -21.06 21.27 13.52
C ASP A 211 -20.70 20.77 14.91
N LYS A 212 -20.10 19.59 14.97
CA LYS A 212 -19.76 18.93 16.23
C LYS A 212 -18.67 19.71 17.00
N SER A 213 -17.66 20.16 16.26
CA SER A 213 -16.49 20.79 16.86
C SER A 213 -16.80 22.13 17.54
N CYS A 214 -17.90 22.77 17.14
CA CYS A 214 -18.37 23.99 17.82
C CYS A 214 -19.85 23.88 18.23
N SER A 215 -20.23 22.70 18.73
CA SER A 215 -21.59 22.45 19.22
C SER A 215 -21.80 23.19 20.56
N PRO A 216 -23.05 23.22 21.06
CA PRO A 216 -23.28 23.79 22.38
C PRO A 216 -22.42 23.18 23.49
N SER A 217 -22.28 21.85 23.48
CA SER A 217 -21.48 21.14 24.48
C SER A 217 -20.00 21.51 24.40
N ALA A 218 -19.43 21.43 23.19
CA ALA A 218 -18.02 21.75 22.98
C ALA A 218 -17.66 23.17 23.41
N GLU A 219 -18.58 24.11 23.23
CA GLU A 219 -18.35 25.50 23.64
C GLU A 219 -18.49 25.68 25.15
N PHE A 220 -19.56 25.15 25.72
CA PHE A 220 -19.78 25.26 27.17
C PHE A 220 -18.76 24.46 27.96
N LEU A 221 -18.32 23.31 27.44
CA LEU A 221 -17.26 22.55 28.08
C LEU A 221 -15.96 23.34 28.05
N ARG A 222 -15.63 23.91 26.89
CA ARG A 222 -14.44 24.76 26.72
C ARG A 222 -14.48 25.96 27.67
N MET A 223 -15.68 26.54 27.83
CA MET A 223 -15.90 27.57 28.83
C MET A 223 -16.13 26.89 30.19
N PRO A 231 -18.44 20.32 39.91
CA PRO A 231 -19.59 19.66 39.30
C PRO A 231 -20.05 20.35 38.02
N ALA A 232 -20.33 19.55 36.98
CA ALA A 232 -20.60 20.08 35.64
C ALA A 232 -21.87 20.93 35.56
N LEU A 233 -22.95 20.49 36.19
CA LEU A 233 -24.21 21.24 36.21
C LEU A 233 -24.01 22.58 36.91
N SER A 234 -23.36 22.55 38.08
CA SER A 234 -23.06 23.76 38.84
C SER A 234 -22.08 24.68 38.12
N ARG A 235 -21.16 24.09 37.36
CA ARG A 235 -20.23 24.83 36.51
C ARG A 235 -20.96 25.66 35.46
N LEU A 236 -21.81 24.99 34.69
CA LEU A 236 -22.62 25.64 33.65
C LEU A 236 -23.50 26.75 34.24
N LEU A 237 -24.14 26.44 35.36
CA LEU A 237 -25.06 27.38 36.00
C LEU A 237 -24.34 28.64 36.50
N GLU A 238 -23.19 28.47 37.16
CA GLU A 238 -22.37 29.59 37.61
C GLU A 238 -21.92 30.45 36.43
N LEU A 239 -21.62 29.77 35.31
CA LEU A 239 -21.17 30.44 34.09
C LEU A 239 -22.32 31.25 33.45
N LEU A 240 -23.52 30.68 33.46
CA LEU A 240 -24.69 31.40 32.96
C LEU A 240 -25.05 32.59 33.85
N GLU A 241 -25.04 32.37 35.17
CA GLU A 241 -25.36 33.46 36.11
C GLU A 241 -24.40 34.64 35.95
N GLU A 242 -23.15 34.35 35.59
CA GLU A 242 -22.15 35.39 35.27
C GLU A 242 -22.43 36.14 33.95
N GLY A 243 -23.43 35.73 33.19
CA GLY A 243 -23.81 36.40 31.95
C GLY A 243 -23.02 35.95 30.72
N GLN A 244 -22.26 34.86 30.86
CA GLN A 244 -21.55 34.28 29.73
C GLN A 244 -22.49 33.40 28.93
N ARG A 245 -22.35 33.45 27.61
CA ARG A 245 -23.24 32.78 26.68
C ARG A 245 -22.46 32.16 25.54
N LEU A 246 -23.10 31.28 24.77
CA LEU A 246 -22.52 30.76 23.55
C LEU A 246 -22.17 31.95 22.66
N PRO A 247 -21.13 31.82 21.82
CA PRO A 247 -20.73 32.96 21.02
C PRO A 247 -21.58 33.09 19.77
N ALA A 248 -21.48 34.24 19.10
CA ALA A 248 -22.12 34.42 17.81
C ALA A 248 -21.54 33.37 16.87
N PRO A 249 -22.40 32.54 16.24
CA PRO A 249 -21.87 31.63 15.24
C PRO A 249 -21.19 32.38 14.10
N PRO A 250 -20.15 31.79 13.51
CA PRO A 250 -19.57 32.44 12.34
C PRO A 250 -20.58 32.52 11.20
N ALA A 251 -20.60 33.64 10.48
CA ALA A 251 -21.54 33.83 9.37
C ALA A 251 -23.00 33.65 9.80
N CYS A 252 -23.31 34.12 11.01
CA CYS A 252 -24.69 34.30 11.47
C CYS A 252 -24.95 35.79 11.41
N PRO A 253 -26.03 36.21 10.74
CA PRO A 253 -26.33 37.66 10.70
C PRO A 253 -26.44 38.24 12.10
N ALA A 254 -25.89 39.44 12.29
CA ALA A 254 -25.84 40.07 13.61
C ALA A 254 -27.22 40.14 14.26
N GLU A 255 -28.23 40.44 13.46
CA GLU A 255 -29.60 40.59 13.96
C GLU A 255 -30.12 39.30 14.56
N VAL A 256 -29.76 38.17 13.96
CA VAL A 256 -30.16 36.85 14.46
C VAL A 256 -29.47 36.57 15.79
N HIS A 257 -28.19 36.94 15.87
CA HIS A 257 -27.43 36.78 17.11
C HIS A 257 -28.06 37.59 18.26
N GLU A 258 -28.54 38.78 17.95
CA GLU A 258 -29.26 39.60 18.93
C GLU A 258 -30.56 38.95 19.41
N LEU A 259 -31.24 38.19 18.55
CA LEU A 259 -32.45 37.47 18.96
C LEU A 259 -32.12 36.33 19.89
N MET A 260 -31.04 35.61 19.59
CA MET A 260 -30.53 34.57 20.49
C MET A 260 -30.26 35.15 21.86
N LYS A 261 -29.60 36.30 21.90
CA LYS A 261 -29.25 36.95 23.16
C LYS A 261 -30.50 37.32 23.97
N LEU A 262 -31.54 37.79 23.28
CA LEU A 262 -32.82 38.06 23.93
C LEU A 262 -33.48 36.78 24.44
N CYS A 263 -33.36 35.71 23.66
CA CYS A 263 -33.84 34.39 24.07
C CYS A 263 -33.13 33.91 25.34
N TRP A 264 -31.87 34.30 25.51
CA TRP A 264 -31.10 33.96 26.72
C TRP A 264 -31.06 35.11 27.74
N ALA A 265 -32.20 35.76 27.98
CA ALA A 265 -32.27 36.78 29.03
C ALA A 265 -32.26 36.08 30.39
N PRO A 266 -31.54 36.63 31.38
CA PRO A 266 -31.47 35.94 32.68
C PRO A 266 -32.85 35.57 33.25
N SER A 267 -33.77 36.53 33.24
CA SER A 267 -35.12 36.33 33.79
C SER A 267 -36.08 35.86 32.70
N PRO A 268 -36.90 34.83 33.01
CA PRO A 268 -37.89 34.33 32.05
C PRO A 268 -38.79 35.41 31.46
N GLN A 269 -39.21 36.37 32.28
CA GLN A 269 -40.15 37.42 31.86
C GLN A 269 -39.55 38.46 30.89
N ASP A 270 -38.23 38.51 30.81
CA ASP A 270 -37.54 39.44 29.91
C ASP A 270 -37.24 38.82 28.54
N ARG A 271 -37.53 37.52 28.38
CA ARG A 271 -37.38 36.85 27.10
C ARG A 271 -38.60 37.15 26.23
N PRO A 272 -38.39 37.29 24.91
CA PRO A 272 -39.52 37.52 24.02
C PRO A 272 -40.36 36.27 23.86
N SER A 273 -41.65 36.43 23.66
CA SER A 273 -42.51 35.30 23.34
C SER A 273 -42.23 34.81 21.93
N PHE A 274 -42.58 33.56 21.65
CA PHE A 274 -42.46 33.03 20.30
C PHE A 274 -43.22 33.89 19.29
N SER A 275 -44.35 34.46 19.72
CA SER A 275 -45.17 35.33 18.88
C SER A 275 -44.48 36.64 18.49
N ALA A 276 -43.58 37.12 19.35
CA ALA A 276 -42.80 38.33 19.06
C ALA A 276 -41.59 37.99 18.20
N LEU A 277 -41.01 36.81 18.42
CA LEU A 277 -39.87 36.34 17.65
C LEU A 277 -40.21 36.10 16.18
N GLY A 278 -41.37 35.48 15.93
CA GLY A 278 -41.78 35.10 14.57
C GLY A 278 -41.61 36.19 13.52
N PRO A 279 -42.27 37.33 13.72
CA PRO A 279 -42.13 38.43 12.79
C PRO A 279 -40.71 38.97 12.68
N GLN A 280 -39.96 38.95 13.78
CA GLN A 280 -38.57 39.39 13.78
C GLN A 280 -37.69 38.46 12.94
N LEU A 281 -37.97 37.16 12.98
CA LEU A 281 -37.26 36.21 12.12
C LEU A 281 -37.66 36.35 10.66
N ASP A 282 -38.96 36.49 10.39
CA ASP A 282 -39.48 36.55 9.01
C ASP A 282 -39.04 37.80 8.25
N MET A 283 -38.85 38.91 8.95
CA MET A 283 -38.60 40.20 8.31
C MET A 283 -37.11 40.59 8.17
N LEU A 284 -36.20 39.68 8.51
CA LEU A 284 -34.77 39.91 8.27
C LEU A 284 -34.41 39.69 6.80
N THR B 1 -43.63 3.43 -16.43
CA THR B 1 -42.29 3.63 -17.07
C THR B 1 -41.97 5.08 -17.42
N ILE B 2 -42.99 5.85 -17.82
CA ILE B 2 -42.79 7.27 -18.14
C ILE B 2 -43.35 8.16 -17.02
N PHE B 3 -42.45 8.69 -16.20
CA PHE B 3 -42.85 9.54 -15.07
C PHE B 3 -42.93 11.00 -15.50
N GLU B 4 -44.08 11.63 -15.26
CA GLU B 4 -44.31 13.02 -15.68
C GLU B 4 -43.69 14.02 -14.71
N GLU B 5 -42.85 14.89 -15.25
CA GLU B 5 -42.04 15.85 -14.46
C GLU B 5 -42.82 16.56 -13.35
N ARG B 6 -43.99 17.09 -13.70
CA ARG B 6 -44.76 17.92 -12.76
C ARG B 6 -45.31 17.17 -11.54
N HIS B 7 -45.34 15.84 -11.60
CA HIS B 7 -45.78 15.02 -10.46
C HIS B 7 -44.63 14.47 -9.61
N LEU B 8 -43.38 14.71 -10.03
CA LEU B 8 -42.23 14.40 -9.20
C LEU B 8 -41.98 15.58 -8.28
N LYS B 9 -42.35 15.43 -7.01
CA LYS B 9 -42.21 16.51 -6.03
C LYS B 9 -40.88 16.38 -5.32
N TYR B 10 -40.01 17.36 -5.53
CA TYR B 10 -38.69 17.40 -4.92
C TYR B 10 -38.79 17.44 -3.39
N ILE B 11 -38.03 16.57 -2.73
CA ILE B 11 -37.96 16.55 -1.26
C ILE B 11 -36.58 16.99 -0.78
N SER B 12 -35.57 16.20 -1.11
CA SER B 12 -34.18 16.50 -0.72
C SER B 12 -33.17 15.80 -1.64
N GLN B 13 -31.90 16.15 -1.45
CA GLN B 13 -30.82 15.57 -2.23
C GLN B 13 -30.32 14.30 -1.53
N LEU B 14 -30.06 13.25 -2.30
CA LEU B 14 -29.48 12.01 -1.75
C LEU B 14 -27.96 12.00 -1.86
N GLY B 15 -27.43 12.57 -2.93
CA GLY B 15 -25.99 12.72 -3.08
C GLY B 15 -25.58 12.80 -4.53
N LYS B 16 -24.32 12.42 -4.78
CA LYS B 16 -23.76 12.41 -6.13
C LYS B 16 -22.92 11.14 -6.33
N GLY B 17 -23.16 10.45 -7.43
CA GLY B 17 -22.36 9.28 -7.81
C GLY B 17 -20.99 9.71 -8.36
N ASN B 18 -20.55 9.02 -9.40
CA ASN B 18 -19.28 9.35 -10.06
C ASN B 18 -19.55 10.18 -11.32
N PHE B 19 -20.75 10.76 -11.39
CA PHE B 19 -21.44 10.89 -12.65
C PHE B 19 -22.41 12.07 -12.66
N GLY B 20 -23.48 11.98 -11.88
CA GLY B 20 -24.50 13.03 -11.82
C GLY B 20 -24.96 13.31 -10.41
N SER B 21 -26.21 13.74 -10.27
CA SER B 21 -26.81 14.05 -8.97
C SER B 21 -28.06 13.19 -8.79
N VAL B 22 -28.25 12.64 -7.58
CA VAL B 22 -29.43 11.84 -7.26
C VAL B 22 -30.29 12.56 -6.23
N GLU B 23 -31.58 12.71 -6.54
CA GLU B 23 -32.53 13.41 -5.68
C GLU B 23 -33.61 12.46 -5.15
N LEU B 24 -34.05 12.72 -3.93
CA LEU B 24 -35.23 12.05 -3.37
C LEU B 24 -36.49 12.85 -3.76
N CYS B 25 -37.43 12.18 -4.43
CA CYS B 25 -38.71 12.78 -4.78
C CYS B 25 -39.86 11.91 -4.30
N ARG B 26 -41.07 12.45 -4.44
CA ARG B 26 -42.28 11.65 -4.32
C ARG B 26 -43.05 11.78 -5.62
N TYR B 27 -43.31 10.66 -6.28
CA TYR B 27 -44.18 10.66 -7.43
C TYR B 27 -45.62 10.66 -6.94
N ASP B 28 -46.24 11.83 -7.00
CA ASP B 28 -47.52 12.05 -6.36
C ASP B 28 -48.57 12.59 -7.34
N PRO B 29 -48.95 11.78 -8.35
CA PRO B 29 -49.91 12.23 -9.36
C PRO B 29 -51.32 12.42 -8.79
N LEU B 30 -51.58 11.81 -7.63
CA LEU B 30 -52.85 11.97 -6.93
C LEU B 30 -52.93 13.28 -6.13
N GLY B 31 -51.82 14.01 -6.03
CA GLY B 31 -51.78 15.31 -5.34
C GLY B 31 -52.14 15.17 -3.87
N ASP B 32 -51.68 14.07 -3.28
CA ASP B 32 -52.25 13.52 -2.06
C ASP B 32 -51.22 13.25 -0.96
N ASN B 33 -49.93 13.31 -1.33
CA ASN B 33 -48.83 12.80 -0.50
C ASN B 33 -48.95 11.31 -0.12
N THR B 34 -49.68 10.54 -0.92
CA THR B 34 -49.75 9.09 -0.78
C THR B 34 -48.85 8.37 -1.79
N GLY B 35 -48.35 9.10 -2.78
CA GLY B 35 -47.51 8.53 -3.83
C GLY B 35 -46.21 7.96 -3.31
N ALA B 36 -45.62 7.06 -4.07
CA ALA B 36 -44.36 6.40 -3.66
C ALA B 36 -43.17 7.35 -3.72
N LEU B 37 -42.25 7.19 -2.77
CA LEU B 37 -40.96 7.91 -2.80
C LEU B 37 -40.05 7.26 -3.83
N VAL B 38 -39.25 8.08 -4.51
CA VAL B 38 -38.39 7.59 -5.57
C VAL B 38 -37.06 8.34 -5.61
N ALA B 39 -36.00 7.64 -6.03
CA ALA B 39 -34.71 8.25 -6.26
C ALA B 39 -34.60 8.64 -7.73
N VAL B 40 -34.21 9.89 -7.99
CA VAL B 40 -34.15 10.41 -9.35
C VAL B 40 -32.75 10.94 -9.66
N LYS B 41 -32.09 10.33 -10.64
CA LYS B 41 -30.76 10.74 -11.08
C LYS B 41 -30.84 11.65 -12.30
N GLN B 42 -29.92 12.60 -12.39
CA GLN B 42 -29.80 13.46 -13.58
C GLN B 42 -28.42 14.07 -13.71
N LEU B 43 -28.13 14.60 -14.91
CA LEU B 43 -26.89 15.33 -15.17
C LEU B 43 -27.15 16.85 -15.15
N GLN B 44 -26.08 17.62 -15.04
CA GLN B 44 -26.18 19.08 -15.04
C GLN B 44 -24.83 19.75 -15.28
N GLY B 47 -21.76 17.46 -20.12
CA GLY B 47 -21.17 17.34 -21.45
C GLY B 47 -21.66 16.13 -22.24
N PRO B 48 -21.28 16.04 -23.53
CA PRO B 48 -21.76 14.96 -24.42
C PRO B 48 -21.28 13.56 -24.02
N ASP B 49 -20.10 13.50 -23.40
CA ASP B 49 -19.45 12.22 -23.07
C ASP B 49 -20.22 11.46 -21.98
N GLN B 50 -20.56 12.16 -20.91
CA GLN B 50 -21.34 11.58 -19.81
C GLN B 50 -22.83 11.44 -20.16
N GLN B 51 -23.32 12.29 -21.06
CA GLN B 51 -24.70 12.19 -21.57
C GLN B 51 -24.94 10.84 -22.25
N ARG B 52 -23.96 10.37 -22.99
CA ARG B 52 -24.06 9.08 -23.68
C ARG B 52 -23.87 7.93 -22.69
N ASP B 53 -22.95 8.11 -21.74
CA ASP B 53 -22.76 7.13 -20.68
C ASP B 53 -24.04 7.00 -19.85
N PHE B 54 -24.76 8.12 -19.70
CA PHE B 54 -26.00 8.15 -18.93
C PHE B 54 -27.10 7.39 -19.66
N GLN B 55 -27.18 7.57 -20.97
CA GLN B 55 -28.12 6.82 -21.79
C GLN B 55 -27.86 5.31 -21.71
N ARG B 56 -26.59 4.92 -21.55
CA ARG B 56 -26.23 3.51 -21.38
C ARG B 56 -26.60 2.98 -20.00
N GLU B 57 -26.24 3.73 -18.95
CA GLU B 57 -26.56 3.37 -17.57
C GLU B 57 -28.04 3.06 -17.38
N ILE B 58 -28.90 3.88 -17.98
CA ILE B 58 -30.34 3.72 -17.90
C ILE B 58 -30.77 2.37 -18.49
N GLN B 59 -30.20 2.02 -19.64
CA GLN B 59 -30.56 0.78 -20.32
C GLN B 59 -29.99 -0.46 -19.62
N ILE B 60 -28.85 -0.32 -18.97
CA ILE B 60 -28.27 -1.41 -18.20
C ILE B 60 -29.14 -1.69 -16.99
N LEU B 61 -29.47 -0.65 -16.23
CA LEU B 61 -30.26 -0.82 -15.02
C LEU B 61 -31.64 -1.40 -15.34
N LYS B 62 -32.23 -0.92 -16.43
CA LYS B 62 -33.52 -1.39 -16.89
C LYS B 62 -33.51 -2.89 -17.24
N ALA B 63 -32.37 -3.37 -17.73
CA ALA B 63 -32.25 -4.75 -18.19
C ALA B 63 -31.91 -5.73 -17.08
N LEU B 64 -31.49 -5.22 -15.92
CA LEU B 64 -31.05 -6.08 -14.81
C LEU B 64 -32.22 -6.37 -13.86
N HIS B 65 -32.49 -7.65 -13.63
CA HIS B 65 -33.55 -8.05 -12.71
C HIS B 65 -32.99 -8.99 -11.64
N SER B 66 -32.88 -8.45 -10.43
CA SER B 66 -32.28 -9.16 -9.32
C SER B 66 -32.75 -8.52 -8.01
N ASP B 67 -32.93 -9.34 -6.99
CA ASP B 67 -33.27 -8.84 -5.66
C ASP B 67 -32.16 -7.98 -5.06
N PHE B 68 -30.94 -8.10 -5.57
CA PHE B 68 -29.76 -7.44 -4.98
C PHE B 68 -29.20 -6.32 -5.85
N ILE B 69 -30.00 -5.83 -6.79
CA ILE B 69 -29.65 -4.67 -7.61
C ILE B 69 -30.82 -3.68 -7.61
N VAL B 70 -30.53 -2.40 -7.34
CA VAL B 70 -31.59 -1.38 -7.25
C VAL B 70 -32.53 -1.49 -8.45
N LYS B 71 -33.81 -1.37 -8.18
CA LYS B 71 -34.83 -1.55 -9.21
C LYS B 71 -35.04 -0.27 -10.04
N TYR B 72 -34.88 -0.42 -11.35
CA TYR B 72 -35.32 0.57 -12.32
C TYR B 72 -36.83 0.68 -12.27
N ARG B 73 -37.34 1.91 -12.20
CA ARG B 73 -38.80 2.18 -12.25
C ARG B 73 -39.21 2.81 -13.58
N GLY B 74 -38.43 3.78 -14.05
CA GLY B 74 -38.74 4.45 -15.32
C GLY B 74 -37.83 5.61 -15.65
N VAL B 75 -38.32 6.51 -16.50
CA VAL B 75 -37.62 7.75 -16.84
C VAL B 75 -38.56 8.95 -16.84
N SER B 76 -37.97 10.14 -16.81
CA SER B 76 -38.72 11.38 -16.92
C SER B 76 -38.03 12.33 -17.89
N TYR B 77 -38.80 12.84 -18.85
CA TYR B 77 -38.32 13.84 -19.79
C TYR B 77 -38.74 15.23 -19.34
N GLN B 82 -37.47 18.85 -22.41
CA GLN B 82 -36.15 18.70 -23.03
C GLN B 82 -35.10 18.36 -21.98
N SER B 83 -35.18 17.13 -21.46
CA SER B 83 -34.31 16.67 -20.38
C SER B 83 -34.39 15.14 -20.27
N LEU B 84 -33.61 14.56 -19.35
CA LEU B 84 -33.63 13.12 -19.11
C LEU B 84 -33.25 12.78 -17.68
N ARG B 85 -34.16 12.12 -16.96
CA ARG B 85 -33.93 11.73 -15.57
C ARG B 85 -34.26 10.24 -15.37
N LEU B 86 -33.43 9.56 -14.58
CA LEU B 86 -33.56 8.13 -14.32
C LEU B 86 -34.29 7.90 -13.01
N VAL B 87 -35.44 7.22 -13.06
CA VAL B 87 -36.27 7.03 -11.87
C VAL B 87 -36.10 5.63 -11.30
N MET B 88 -35.68 5.57 -10.05
CA MET B 88 -35.40 4.31 -9.36
C MET B 88 -36.20 4.22 -8.07
N GLU B 89 -36.34 3.00 -7.54
CA GLU B 89 -37.00 2.78 -6.26
C GLU B 89 -36.20 3.48 -5.18
N TYR B 90 -36.87 3.96 -4.13
CA TYR B 90 -36.19 4.57 -3.01
C TYR B 90 -35.98 3.54 -1.92
N LEU B 91 -34.72 3.39 -1.50
CA LEU B 91 -34.34 2.53 -0.39
C LEU B 91 -34.11 3.41 0.85
N PRO B 92 -35.11 3.44 1.76
CA PRO B 92 -35.15 4.50 2.78
C PRO B 92 -34.12 4.39 3.89
N SER B 93 -33.54 3.21 4.10
CA SER B 93 -32.49 3.05 5.10
C SER B 93 -31.16 3.67 4.65
N GLY B 94 -31.06 3.99 3.36
CA GLY B 94 -29.95 4.78 2.83
C GLY B 94 -28.73 3.98 2.42
N CYS B 95 -27.59 4.66 2.38
CA CYS B 95 -26.33 4.08 1.93
C CYS B 95 -25.77 3.13 3.00
N LEU B 96 -25.16 2.04 2.55
CA LEU B 96 -24.59 1.04 3.45
C LEU B 96 -23.46 1.62 4.30
N ARG B 97 -22.59 2.42 3.68
CA ARG B 97 -21.48 3.05 4.39
C ARG B 97 -21.97 3.76 5.64
N ASP B 98 -22.98 4.60 5.45
CA ASP B 98 -23.56 5.38 6.56
C ASP B 98 -24.35 4.48 7.52
N PHE B 99 -25.02 3.48 6.98
CA PHE B 99 -25.81 2.54 7.76
C PHE B 99 -24.93 1.73 8.72
N LEU B 100 -23.78 1.28 8.24
CA LEU B 100 -22.87 0.49 9.06
C LEU B 100 -22.23 1.29 10.20
N GLN B 101 -22.03 2.59 9.99
CA GLN B 101 -21.50 3.47 11.04
C GLN B 101 -22.55 3.72 12.12
N ARG B 102 -23.78 3.99 11.70
CA ARG B 102 -24.86 4.37 12.62
C ARG B 102 -25.34 3.20 13.49
N HIS B 103 -25.44 2.01 12.89
CA HIS B 103 -26.01 0.86 13.59
C HIS B 103 -24.99 -0.22 13.96
N ARG B 104 -23.71 0.14 13.92
CA ARG B 104 -22.62 -0.78 14.28
C ARG B 104 -22.92 -1.60 15.52
N ALA B 105 -23.44 -0.95 16.56
CA ALA B 105 -23.65 -1.57 17.87
C ALA B 105 -24.73 -2.66 17.88
N ARG B 106 -25.42 -2.87 16.77
CA ARG B 106 -26.45 -3.91 16.68
C ARG B 106 -26.33 -4.72 15.38
N LEU B 107 -25.12 -4.80 14.83
CA LEU B 107 -24.85 -5.59 13.62
C LEU B 107 -23.65 -6.50 13.85
N ASP B 108 -23.91 -7.74 14.25
CA ASP B 108 -22.83 -8.72 14.48
C ASP B 108 -22.23 -9.24 13.17
N ALA B 109 -21.21 -10.09 13.28
CA ALA B 109 -20.54 -10.66 12.11
C ALA B 109 -21.50 -11.40 11.18
N SER B 110 -22.41 -12.19 11.75
CA SER B 110 -23.37 -12.98 10.99
C SER B 110 -24.23 -12.11 10.07
N ARG B 111 -24.54 -10.90 10.53
CA ARG B 111 -25.32 -9.95 9.75
C ARG B 111 -24.47 -9.33 8.64
N LEU B 112 -23.18 -9.11 8.90
CA LEU B 112 -22.26 -8.61 7.88
C LEU B 112 -22.06 -9.67 6.80
N LEU B 113 -21.92 -10.93 7.20
CA LEU B 113 -21.82 -12.03 6.24
C LEU B 113 -23.05 -12.11 5.35
N LEU B 114 -24.22 -11.86 5.94
CA LEU B 114 -25.46 -11.81 5.16
C LEU B 114 -25.36 -10.77 4.05
N TYR B 115 -24.93 -9.55 4.39
CA TYR B 115 -24.72 -8.49 3.39
C TYR B 115 -23.71 -8.91 2.31
N SER B 116 -22.57 -9.47 2.73
CA SER B 116 -21.58 -10.00 1.79
C SER B 116 -22.22 -11.00 0.83
N SER B 117 -22.99 -11.92 1.39
CA SER B 117 -23.64 -12.97 0.60
C SER B 117 -24.62 -12.39 -0.44
N GLN B 118 -25.33 -11.33 -0.08
CA GLN B 118 -26.32 -10.71 -0.98
C GLN B 118 -25.65 -9.88 -2.08
N ILE B 119 -24.58 -9.19 -1.72
CA ILE B 119 -23.77 -8.44 -2.68
C ILE B 119 -23.11 -9.43 -3.64
N CYS B 120 -22.56 -10.51 -3.08
CA CYS B 120 -21.93 -11.55 -3.89
C CYS B 120 -22.92 -12.14 -4.89
N LYS B 121 -24.14 -12.39 -4.45
CA LYS B 121 -25.22 -12.84 -5.35
C LYS B 121 -25.60 -11.79 -6.38
N GLY B 122 -25.60 -10.52 -5.97
CA GLY B 122 -25.78 -9.41 -6.90
C GLY B 122 -24.71 -9.38 -7.99
N MET B 123 -23.47 -9.64 -7.61
CA MET B 123 -22.34 -9.62 -8.55
C MET B 123 -22.29 -10.87 -9.42
N GLU B 124 -22.71 -12.00 -8.87
CA GLU B 124 -22.83 -13.22 -9.65
C GLU B 124 -23.77 -12.98 -10.83
N TYR B 125 -24.95 -12.43 -10.52
CA TYR B 125 -25.94 -12.11 -11.55
C TYR B 125 -25.39 -11.13 -12.59
N LEU B 126 -24.76 -10.06 -12.14
CA LEU B 126 -24.13 -9.10 -13.06
C LEU B 126 -23.19 -9.77 -14.04
N GLY B 127 -22.33 -10.66 -13.52
CA GLY B 127 -21.43 -11.45 -14.34
C GLY B 127 -22.16 -12.33 -15.35
N SER B 128 -23.34 -12.82 -14.98
CA SER B 128 -24.17 -13.59 -15.91
C SER B 128 -24.76 -12.73 -17.03
N ARG B 129 -24.85 -11.43 -16.79
CA ARG B 129 -25.29 -10.48 -17.81
C ARG B 129 -24.10 -9.80 -18.49
N ARG B 130 -22.89 -10.32 -18.24
CA ARG B 130 -21.66 -9.84 -18.88
C ARG B 130 -21.40 -8.36 -18.58
N CYS B 131 -21.77 -7.95 -17.38
CA CYS B 131 -21.67 -6.56 -16.96
C CYS B 131 -20.58 -6.40 -15.91
N VAL B 132 -19.75 -5.39 -16.07
CA VAL B 132 -18.70 -5.05 -15.11
C VAL B 132 -19.07 -3.73 -14.42
N HIS B 133 -19.33 -3.77 -13.12
CA HIS B 133 -19.77 -2.59 -12.37
C HIS B 133 -18.73 -1.46 -12.41
N ARG B 134 -17.46 -1.84 -12.20
CA ARG B 134 -16.31 -0.94 -12.23
C ARG B 134 -16.20 0.04 -11.06
N ASP B 135 -17.08 -0.07 -10.07
CA ASP B 135 -17.01 0.80 -8.90
C ASP B 135 -17.74 0.21 -7.70
N LEU B 136 -17.54 -1.08 -7.47
CA LEU B 136 -18.16 -1.74 -6.32
C LEU B 136 -17.50 -1.22 -5.05
N ALA B 137 -18.32 -0.64 -4.18
CA ALA B 137 -17.87 -0.15 -2.88
C ALA B 137 -19.08 0.08 -1.98
N ALA B 138 -18.83 0.10 -0.67
CA ALA B 138 -19.89 0.32 0.31
C ALA B 138 -20.72 1.57 0.02
N ARG B 139 -20.09 2.60 -0.53
CA ARG B 139 -20.80 3.85 -0.88
C ARG B 139 -21.83 3.69 -2.02
N ASN B 140 -21.70 2.62 -2.81
CA ASN B 140 -22.63 2.31 -3.88
C ASN B 140 -23.58 1.13 -3.56
N ILE B 141 -23.55 0.65 -2.33
CA ILE B 141 -24.52 -0.35 -1.85
C ILE B 141 -25.59 0.38 -1.03
N LEU B 142 -26.84 0.00 -1.25
CA LEU B 142 -27.97 0.61 -0.57
C LEU B 142 -28.64 -0.41 0.34
N VAL B 143 -29.31 0.09 1.37
CA VAL B 143 -29.94 -0.77 2.37
C VAL B 143 -31.46 -0.75 2.17
N GLU B 144 -32.00 -1.90 1.76
CA GLU B 144 -33.44 -2.08 1.59
C GLU B 144 -34.10 -2.19 2.97
N SER B 145 -33.57 -3.11 3.76
CA SER B 145 -33.93 -3.23 5.18
C SER B 145 -32.68 -3.66 5.95
N GLU B 146 -32.83 -3.84 7.25
CA GLU B 146 -31.74 -4.36 8.09
C GLU B 146 -31.28 -5.76 7.65
N ALA B 147 -32.10 -6.45 6.87
CA ALA B 147 -31.77 -7.81 6.41
C ALA B 147 -31.63 -7.91 4.88
N HIS B 148 -31.47 -6.78 4.19
CA HIS B 148 -31.45 -6.77 2.73
C HIS B 148 -30.74 -5.52 2.16
N VAL B 149 -29.69 -5.75 1.37
CA VAL B 149 -28.97 -4.67 0.68
C VAL B 149 -28.99 -4.87 -0.84
N LYS B 150 -28.78 -3.78 -1.59
CA LYS B 150 -28.80 -3.82 -3.06
C LYS B 150 -27.70 -2.96 -3.67
N ILE B 151 -27.13 -3.44 -4.77
CA ILE B 151 -26.04 -2.76 -5.48
C ILE B 151 -26.61 -1.61 -6.33
N ALA B 152 -25.90 -0.48 -6.33
CA ALA B 152 -26.34 0.72 -7.05
C ALA B 152 -25.22 1.37 -7.84
N ASP B 153 -25.58 2.43 -8.58
CA ASP B 153 -24.65 3.27 -9.34
C ASP B 153 -23.97 2.52 -10.47
N PHE B 154 -24.63 2.48 -11.63
CA PHE B 154 -24.10 1.77 -12.80
C PHE B 154 -23.57 2.75 -13.85
N GLY B 155 -23.25 3.97 -13.42
CA GLY B 155 -22.75 5.00 -14.32
C GLY B 155 -21.39 4.71 -14.91
N LEU B 156 -20.56 3.96 -14.18
CA LEU B 156 -19.26 3.54 -14.69
C LEU B 156 -19.30 2.11 -15.23
N ALA B 157 -20.48 1.50 -15.26
CA ALA B 157 -20.60 0.11 -15.65
C ALA B 157 -20.30 -0.08 -17.14
N LYS B 158 -19.67 -1.20 -17.45
CA LYS B 158 -19.36 -1.56 -18.84
C LYS B 158 -19.88 -2.96 -19.13
N LEU B 159 -20.40 -3.16 -20.33
CA LEU B 159 -20.76 -4.49 -20.80
C LEU B 159 -19.58 -5.06 -21.55
N LEU B 160 -19.21 -6.29 -21.23
CA LEU B 160 -18.10 -6.95 -21.90
C LEU B 160 -18.49 -7.18 -23.36
N PRO B 161 -17.54 -6.96 -24.30
CA PRO B 161 -17.85 -7.33 -25.68
C PRO B 161 -18.20 -8.81 -25.76
N LEU B 162 -19.16 -9.14 -26.61
CA LEU B 162 -19.75 -10.49 -26.64
C LEU B 162 -18.75 -11.62 -26.93
N ASP B 163 -17.54 -11.27 -27.34
CA ASP B 163 -16.46 -12.24 -27.59
C ASP B 163 -15.23 -12.05 -26.68
N LYS B 164 -15.37 -11.21 -25.65
CA LYS B 164 -14.23 -10.84 -24.78
C LYS B 164 -14.58 -11.00 -23.30
N ASP B 165 -13.58 -11.37 -22.49
CA ASP B 165 -13.73 -11.48 -21.03
C ASP B 165 -13.22 -10.24 -20.29
N VAL B 168 -11.05 -2.71 -21.92
CA VAL B 168 -10.08 -1.67 -21.60
C VAL B 168 -10.79 -0.33 -21.61
N VAL B 169 -10.56 0.49 -20.59
CA VAL B 169 -11.16 1.82 -20.51
C VAL B 169 -10.09 2.90 -20.68
N PRO B 176 -12.31 6.49 -7.87
CA PRO B 176 -11.46 6.33 -6.70
C PRO B 176 -10.55 5.11 -6.82
N ILE B 177 -9.26 5.32 -6.60
CA ILE B 177 -8.23 4.34 -6.93
C ILE B 177 -8.10 3.17 -5.95
N PHE B 178 -8.63 3.33 -4.73
CA PHE B 178 -8.39 2.37 -3.64
C PHE B 178 -9.24 1.11 -3.72
N TRP B 179 -10.14 1.03 -4.69
CA TRP B 179 -10.93 -0.15 -4.95
C TRP B 179 -10.50 -0.89 -6.23
N TYR B 180 -9.54 -0.31 -6.95
CA TYR B 180 -9.11 -0.84 -8.25
C TYR B 180 -8.16 -2.01 -8.13
N ALA B 181 -8.24 -2.93 -9.09
CA ALA B 181 -7.28 -4.02 -9.21
C ALA B 181 -6.00 -3.46 -9.85
N PRO B 182 -4.86 -4.12 -9.62
CA PRO B 182 -3.58 -3.69 -10.20
C PRO B 182 -3.61 -3.50 -11.72
N GLU B 183 -4.20 -4.46 -12.44
CA GLU B 183 -4.30 -4.38 -13.90
C GLU B 183 -5.18 -3.22 -14.37
N SER B 184 -6.09 -2.77 -13.51
CA SER B 184 -6.90 -1.60 -13.80
C SER B 184 -6.10 -0.31 -13.57
N LEU B 185 -5.27 -0.32 -12.51
CA LEU B 185 -4.39 0.81 -12.21
C LEU B 185 -3.29 0.95 -13.26
N SER B 186 -2.72 -0.17 -13.69
CA SER B 186 -1.58 -0.16 -14.59
C SER B 186 -1.97 -0.05 -16.07
N ASP B 187 -3.00 -0.77 -16.48
CA ASP B 187 -3.37 -0.87 -17.91
C ASP B 187 -4.85 -0.57 -18.22
N ASN B 188 -5.59 -0.03 -17.25
CA ASN B 188 -7.00 0.31 -17.43
C ASN B 188 -7.87 -0.88 -17.86
N ILE B 189 -7.47 -2.09 -17.47
CA ILE B 189 -8.17 -3.31 -17.87
C ILE B 189 -9.15 -3.70 -16.77
N PHE B 190 -10.43 -3.78 -17.12
CA PHE B 190 -11.48 -4.17 -16.18
C PHE B 190 -12.16 -5.44 -16.63
N SER B 191 -12.64 -6.21 -15.65
CA SER B 191 -13.30 -7.49 -15.92
C SER B 191 -14.08 -7.91 -14.68
N ARG B 192 -14.77 -9.06 -14.76
CA ARG B 192 -15.45 -9.62 -13.60
C ARG B 192 -14.44 -9.85 -12.46
N GLN B 193 -13.21 -10.19 -12.82
CA GLN B 193 -12.13 -10.42 -11.85
C GLN B 193 -11.73 -9.13 -11.12
N SER B 194 -11.73 -7.99 -11.83
CA SER B 194 -11.46 -6.71 -11.16
C SER B 194 -12.62 -6.34 -10.23
N ASP B 195 -13.84 -6.71 -10.60
CA ASP B 195 -14.98 -6.59 -9.69
C ASP B 195 -14.78 -7.46 -8.43
N VAL B 196 -14.23 -8.66 -8.61
CA VAL B 196 -13.91 -9.54 -7.48
C VAL B 196 -12.89 -8.89 -6.55
N TRP B 197 -11.92 -8.19 -7.12
CA TRP B 197 -10.94 -7.45 -6.33
C TRP B 197 -11.66 -6.43 -5.46
N SER B 198 -12.53 -5.64 -6.09
CA SER B 198 -13.31 -4.63 -5.39
C SER B 198 -14.19 -5.25 -4.31
N PHE B 199 -14.73 -6.46 -4.57
CA PHE B 199 -15.56 -7.15 -3.58
C PHE B 199 -14.78 -7.41 -2.30
N GLY B 200 -13.54 -7.86 -2.46
CA GLY B 200 -12.64 -8.04 -1.32
C GLY B 200 -12.52 -6.78 -0.49
N VAL B 201 -12.49 -5.62 -1.18
CA VAL B 201 -12.39 -4.33 -0.51
C VAL B 201 -13.69 -3.99 0.24
N VAL B 202 -14.85 -4.40 -0.28
CA VAL B 202 -16.11 -4.16 0.46
C VAL B 202 -16.26 -5.11 1.65
N LEU B 203 -15.70 -6.33 1.54
CA LEU B 203 -15.63 -7.22 2.70
C LEU B 203 -14.84 -6.53 3.81
N TYR B 204 -13.70 -5.94 3.45
CA TYR B 204 -12.89 -5.15 4.38
C TYR B 204 -13.73 -4.03 5.00
N GLU B 205 -14.39 -3.24 4.14
CA GLU B 205 -15.29 -2.18 4.59
C GLU B 205 -16.35 -2.70 5.55
N LEU B 206 -17.03 -3.77 5.16
CA LEU B 206 -18.08 -4.37 5.99
C LEU B 206 -17.58 -4.69 7.40
N PHE B 207 -16.40 -5.30 7.48
CA PHE B 207 -15.84 -5.72 8.77
C PHE B 207 -14.98 -4.66 9.47
N THR B 208 -14.86 -3.48 8.87
CA THR B 208 -14.41 -2.29 9.58
C THR B 208 -15.59 -1.38 9.95
N TYR B 209 -16.81 -1.79 9.59
CA TYR B 209 -18.01 -0.95 9.72
C TYR B 209 -17.86 0.42 9.05
N CYS B 210 -17.15 0.44 7.92
CA CYS B 210 -16.82 1.69 7.21
C CYS B 210 -16.32 2.79 8.14
N ASP B 211 -15.47 2.39 9.09
CA ASP B 211 -14.86 3.34 10.00
C ASP B 211 -13.94 4.25 9.19
N LYS B 212 -14.03 5.56 9.48
CA LYS B 212 -13.24 6.55 8.74
C LYS B 212 -11.75 6.41 9.05
N SER B 213 -11.45 6.12 10.31
CA SER B 213 -10.06 5.99 10.75
C SER B 213 -9.30 4.95 9.93
N CYS B 214 -9.89 3.77 9.77
CA CYS B 214 -9.23 2.66 9.08
C CYS B 214 -9.91 2.31 7.75
N SER B 215 -10.28 3.34 6.99
CA SER B 215 -10.85 3.16 5.66
C SER B 215 -9.75 2.75 4.69
N PRO B 216 -10.12 2.12 3.56
CA PRO B 216 -9.12 1.73 2.55
C PRO B 216 -8.17 2.87 2.15
N SER B 217 -8.72 4.07 1.95
CA SER B 217 -7.90 5.24 1.63
C SER B 217 -6.95 5.57 2.77
N ALA B 218 -7.49 5.65 3.98
CA ALA B 218 -6.69 5.98 5.17
C ALA B 218 -5.55 4.99 5.42
N GLU B 219 -5.74 3.74 5.01
CA GLU B 219 -4.70 2.71 5.17
C GLU B 219 -3.65 2.73 4.06
N PHE B 220 -4.09 2.86 2.82
CA PHE B 220 -3.17 2.94 1.67
C PHE B 220 -2.37 4.25 1.64
N LEU B 221 -2.96 5.33 2.16
CA LEU B 221 -2.29 6.64 2.20
C LEU B 221 -1.09 6.68 3.16
N ARG B 222 -0.96 5.64 3.99
CA ARG B 222 0.20 5.50 4.87
C ARG B 222 0.79 4.09 4.75
N MET B 223 1.23 3.77 3.54
CA MET B 223 1.94 2.51 3.26
C MET B 223 2.92 2.70 2.10
N ARG B 228 6.01 9.56 -1.41
CA ARG B 228 6.99 10.28 -2.24
C ARG B 228 6.39 11.62 -2.72
N ASP B 229 6.86 12.12 -3.86
CA ASP B 229 6.37 13.40 -4.39
C ASP B 229 5.85 13.29 -5.83
N VAL B 230 5.05 12.25 -6.11
CA VAL B 230 4.33 12.12 -7.39
C VAL B 230 3.08 11.22 -7.22
N PRO B 231 2.20 11.12 -8.25
CA PRO B 231 0.83 10.59 -8.12
C PRO B 231 0.58 9.46 -7.13
N ALA B 232 -0.57 9.52 -6.47
CA ALA B 232 -1.01 8.47 -5.56
C ALA B 232 -1.24 7.14 -6.31
N LEU B 233 -1.64 7.25 -7.58
CA LEU B 233 -1.92 6.08 -8.42
C LEU B 233 -0.70 5.20 -8.61
N SER B 234 0.43 5.81 -8.98
CA SER B 234 1.68 5.09 -9.20
C SER B 234 2.21 4.50 -7.90
N ARG B 235 2.03 5.22 -6.80
CA ARG B 235 2.48 4.76 -5.49
C ARG B 235 1.61 3.62 -4.96
N LEU B 236 0.31 3.68 -5.21
CA LEU B 236 -0.60 2.60 -4.84
C LEU B 236 -0.31 1.31 -5.62
N LEU B 237 -0.07 1.46 -6.92
CA LEU B 237 0.24 0.33 -7.81
C LEU B 237 1.50 -0.41 -7.36
N GLU B 238 2.59 0.33 -7.18
CA GLU B 238 3.86 -0.24 -6.76
C GLU B 238 3.71 -0.98 -5.43
N LEU B 239 2.97 -0.37 -4.52
CA LEU B 239 2.69 -0.96 -3.21
C LEU B 239 1.98 -2.31 -3.35
N LEU B 240 0.99 -2.39 -4.23
CA LEU B 240 0.27 -3.63 -4.48
C LEU B 240 1.15 -4.66 -5.21
N GLU B 241 1.91 -4.19 -6.21
CA GLU B 241 2.80 -5.07 -6.97
C GLU B 241 3.85 -5.74 -6.10
N GLU B 242 4.35 -5.03 -5.09
CA GLU B 242 5.22 -5.61 -4.06
C GLU B 242 4.55 -6.79 -3.37
N GLY B 243 3.26 -6.65 -3.06
CA GLY B 243 2.48 -7.69 -2.38
C GLY B 243 1.74 -7.23 -1.13
N GLN B 244 1.91 -5.96 -0.74
CA GLN B 244 1.25 -5.43 0.45
C GLN B 244 -0.24 -5.26 0.23
N ARG B 245 -1.03 -5.56 1.26
CA ARG B 245 -2.48 -5.47 1.20
C ARG B 245 -3.01 -4.76 2.45
N LEU B 246 -4.30 -4.45 2.44
CA LEU B 246 -4.97 -3.93 3.64
C LEU B 246 -4.87 -4.96 4.75
N PRO B 247 -4.82 -4.51 6.01
CA PRO B 247 -4.66 -5.48 7.10
C PRO B 247 -5.98 -6.17 7.40
N ALA B 248 -5.94 -7.17 8.26
CA ALA B 248 -7.16 -7.78 8.77
C ALA B 248 -7.86 -6.75 9.65
N PRO B 249 -9.13 -6.44 9.35
CA PRO B 249 -9.88 -5.52 10.22
C PRO B 249 -9.93 -6.01 11.67
N PRO B 250 -10.06 -5.07 12.64
CA PRO B 250 -10.12 -5.49 14.04
C PRO B 250 -11.23 -6.51 14.32
N ALA B 251 -10.88 -7.56 15.06
CA ALA B 251 -11.82 -8.61 15.46
C ALA B 251 -12.47 -9.33 14.27
N CYS B 252 -11.84 -9.24 13.10
CA CYS B 252 -12.39 -9.86 11.89
C CYS B 252 -12.05 -11.35 11.91
N PRO B 253 -13.07 -12.20 11.67
CA PRO B 253 -12.80 -13.64 11.59
C PRO B 253 -11.76 -13.96 10.52
N ALA B 254 -10.83 -14.86 10.84
CA ALA B 254 -9.73 -15.22 9.96
C ALA B 254 -10.23 -15.78 8.63
N GLU B 255 -11.30 -16.58 8.69
CA GLU B 255 -11.90 -17.15 7.50
C GLU B 255 -12.35 -16.08 6.51
N VAL B 256 -12.91 -14.99 7.02
CA VAL B 256 -13.34 -13.87 6.17
C VAL B 256 -12.12 -13.13 5.64
N HIS B 257 -11.10 -12.98 6.48
CA HIS B 257 -9.85 -12.33 6.07
C HIS B 257 -9.13 -13.10 4.96
N GLU B 258 -9.11 -14.44 5.07
CA GLU B 258 -8.51 -15.28 4.03
C GLU B 258 -9.24 -15.14 2.69
N LEU B 259 -10.57 -14.98 2.74
CA LEU B 259 -11.36 -14.77 1.53
C LEU B 259 -11.04 -13.45 0.84
N MET B 260 -10.84 -12.39 1.62
CA MET B 260 -10.36 -11.11 1.10
C MET B 260 -9.05 -11.29 0.34
N LYS B 261 -8.12 -12.00 0.95
CA LYS B 261 -6.80 -12.20 0.35
C LYS B 261 -6.87 -12.95 -0.99
N LEU B 262 -7.80 -13.89 -1.12
CA LEU B 262 -8.04 -14.59 -2.38
C LEU B 262 -8.64 -13.67 -3.44
N CYS B 263 -9.43 -12.69 -3.00
CA CYS B 263 -9.98 -11.67 -3.89
C CYS B 263 -8.88 -10.75 -4.41
N TRP B 264 -7.84 -10.57 -3.60
CA TRP B 264 -6.72 -9.71 -3.96
C TRP B 264 -5.53 -10.49 -4.53
N ALA B 265 -5.79 -11.63 -5.16
CA ALA B 265 -4.72 -12.41 -5.79
C ALA B 265 -4.14 -11.58 -6.94
N PRO B 266 -2.79 -11.45 -7.01
CA PRO B 266 -2.17 -10.58 -8.01
C PRO B 266 -2.71 -10.79 -9.43
N SER B 267 -2.82 -12.04 -9.85
CA SER B 267 -3.29 -12.36 -11.19
C SER B 267 -4.81 -12.50 -11.20
N PRO B 268 -5.48 -11.87 -12.19
CA PRO B 268 -6.93 -12.01 -12.32
C PRO B 268 -7.40 -13.46 -12.31
N GLN B 269 -6.76 -14.31 -13.10
CA GLN B 269 -7.12 -15.73 -13.23
C GLN B 269 -7.12 -16.51 -11.90
N ASP B 270 -6.32 -16.06 -10.94
CA ASP B 270 -6.18 -16.76 -9.64
C ASP B 270 -7.23 -16.38 -8.60
N ARG B 271 -8.00 -15.33 -8.88
CA ARG B 271 -9.07 -14.92 -7.98
C ARG B 271 -10.27 -15.86 -8.13
N PRO B 272 -11.03 -16.07 -7.05
CA PRO B 272 -12.23 -16.88 -7.16
C PRO B 272 -13.33 -16.12 -7.86
N SER B 273 -14.13 -16.81 -8.68
CA SER B 273 -15.32 -16.21 -9.26
C SER B 273 -16.36 -15.95 -8.17
N PHE B 274 -17.28 -15.03 -8.43
CA PHE B 274 -18.37 -14.79 -7.47
C PHE B 274 -19.17 -16.06 -7.23
N SER B 275 -19.28 -16.91 -8.25
CA SER B 275 -19.98 -18.19 -8.11
C SER B 275 -19.33 -19.10 -7.09
N ALA B 276 -17.99 -19.05 -7.02
CA ALA B 276 -17.24 -19.86 -6.07
C ALA B 276 -17.24 -19.23 -4.67
N LEU B 277 -17.36 -17.90 -4.60
CA LEU B 277 -17.38 -17.19 -3.33
C LEU B 277 -18.70 -17.35 -2.56
N GLY B 278 -19.82 -17.34 -3.29
CA GLY B 278 -21.14 -17.40 -2.68
C GLY B 278 -21.29 -18.47 -1.62
N PRO B 279 -21.08 -19.74 -2.00
CA PRO B 279 -21.21 -20.83 -1.03
C PRO B 279 -20.19 -20.74 0.09
N GLN B 280 -18.99 -20.23 -0.20
CA GLN B 280 -17.96 -20.08 0.83
C GLN B 280 -18.37 -19.05 1.88
N LEU B 281 -19.05 -18.00 1.45
CA LEU B 281 -19.57 -17.00 2.38
C LEU B 281 -20.74 -17.56 3.20
N ASP B 282 -21.68 -18.22 2.51
CA ASP B 282 -22.88 -18.76 3.17
C ASP B 282 -22.58 -19.85 4.20
N MET B 283 -21.63 -20.73 3.87
CA MET B 283 -21.36 -21.90 4.68
C MET B 283 -20.25 -21.69 5.71
N LEU B 284 -19.86 -20.44 5.93
CA LEU B 284 -18.72 -20.16 6.79
C LEU B 284 -18.98 -20.60 8.23
N TRP B 285 -20.19 -20.36 8.72
CA TRP B 285 -20.57 -20.80 10.07
C TRP B 285 -21.90 -21.54 10.05
N THR C 1 33.31 11.31 4.41
CA THR C 1 33.00 9.88 4.09
C THR C 1 32.13 9.20 5.16
N ILE C 2 32.39 9.51 6.43
CA ILE C 2 31.56 9.04 7.55
C ILE C 2 30.59 10.13 8.00
N PHE C 3 29.32 9.96 7.64
CA PHE C 3 28.25 10.88 8.04
C PHE C 3 27.58 10.37 9.30
N GLU C 4 27.60 11.17 10.36
CA GLU C 4 27.00 10.78 11.64
C GLU C 4 25.47 10.78 11.57
N GLU C 5 24.88 9.65 11.94
CA GLU C 5 23.44 9.44 11.86
C GLU C 5 22.60 10.59 12.46
N ARG C 6 23.02 11.11 13.62
CA ARG C 6 22.25 12.15 14.33
C ARG C 6 22.25 13.52 13.63
N HIS C 7 23.17 13.73 12.69
CA HIS C 7 23.22 14.99 11.94
C HIS C 7 22.58 14.90 10.56
N LEU C 8 22.08 13.72 10.18
CA LEU C 8 21.25 13.59 8.98
C LEU C 8 19.83 13.93 9.36
N LYS C 9 19.33 15.06 8.85
CA LYS C 9 17.96 15.50 9.15
C LYS C 9 17.01 15.09 8.03
N TYR C 10 16.05 14.22 8.36
CA TYR C 10 15.07 13.76 7.38
C TYR C 10 14.25 14.93 6.83
N ILE C 11 14.02 14.91 5.52
CA ILE C 11 13.26 15.95 4.85
C ILE C 11 12.07 15.36 4.09
N SER C 12 12.35 14.47 3.15
CA SER C 12 11.29 13.82 2.39
C SER C 12 11.77 12.53 1.75
N GLN C 13 10.83 11.82 1.12
CA GLN C 13 11.11 10.56 0.46
C GLN C 13 11.32 10.81 -1.03
N LEU C 14 12.41 10.30 -1.59
CA LEU C 14 12.70 10.44 -3.02
C LEU C 14 12.22 9.25 -3.84
N GLY C 15 12.16 8.08 -3.20
CA GLY C 15 11.55 6.90 -3.81
C GLY C 15 12.34 5.63 -3.64
N LYS C 16 11.81 4.56 -4.21
CA LYS C 16 12.38 3.22 -4.05
C LYS C 16 13.17 2.81 -5.29
N GLY C 17 14.39 2.33 -5.05
CA GLY C 17 15.21 1.76 -6.11
C GLY C 17 14.81 0.32 -6.38
N ASN C 18 15.71 -0.45 -6.97
CA ASN C 18 15.41 -1.86 -7.25
C ASN C 18 15.20 -2.67 -5.98
N PHE C 19 15.85 -2.26 -4.89
CA PHE C 19 15.55 -2.86 -3.58
C PHE C 19 15.40 -1.91 -2.39
N GLY C 20 16.13 -0.79 -2.37
CA GLY C 20 16.13 0.06 -1.18
C GLY C 20 15.09 1.16 -1.18
N SER C 21 15.22 2.04 -0.19
CA SER C 21 14.46 3.28 -0.10
C SER C 21 15.44 4.44 -0.14
N VAL C 22 15.14 5.49 -0.90
CA VAL C 22 16.00 6.67 -0.96
C VAL C 22 15.29 7.88 -0.35
N GLU C 23 16.00 8.58 0.54
CA GLU C 23 15.44 9.74 1.22
C GLU C 23 16.29 11.00 0.99
N LEU C 24 15.60 12.13 0.84
CA LEU C 24 16.26 13.43 0.86
C LEU C 24 16.52 13.84 2.32
N CYS C 25 17.78 14.11 2.65
CA CYS C 25 18.16 14.58 3.98
C CYS C 25 19.01 15.83 3.88
N ARG C 26 19.12 16.55 4.99
CA ARG C 26 20.12 17.61 5.13
C ARG C 26 21.15 17.16 6.16
N TYR C 27 22.43 17.17 5.77
CA TYR C 27 23.52 16.88 6.72
C TYR C 27 23.92 18.16 7.41
N ASP C 28 23.54 18.29 8.68
CA ASP C 28 23.60 19.57 9.38
C ASP C 28 24.33 19.42 10.73
N PRO C 29 25.66 19.22 10.69
CA PRO C 29 26.45 19.07 11.91
C PRO C 29 26.50 20.33 12.80
N LEU C 30 26.37 21.50 12.19
CA LEU C 30 26.32 22.77 12.94
C LEU C 30 24.94 23.02 13.57
N GLY C 31 23.91 22.33 13.08
CA GLY C 31 22.59 22.39 13.67
C GLY C 31 21.80 23.67 13.42
N ASP C 32 22.10 24.36 12.33
CA ASP C 32 21.43 25.64 12.00
C ASP C 32 20.86 25.66 10.56
N ASN C 33 20.53 24.48 10.05
CA ASN C 33 19.99 24.31 8.69
C ASN C 33 20.82 24.90 7.55
N THR C 34 22.13 25.04 7.75
CA THR C 34 23.04 25.49 6.70
C THR C 34 23.73 24.34 5.97
N GLY C 35 23.51 23.12 6.46
CA GLY C 35 24.16 21.93 5.89
C GLY C 35 23.74 21.60 4.47
N ALA C 36 24.48 20.68 3.85
CA ALA C 36 24.20 20.28 2.47
C ALA C 36 23.04 19.31 2.43
N LEU C 37 22.23 19.41 1.37
CA LEU C 37 21.21 18.42 1.09
C LEU C 37 21.87 17.23 0.40
N VAL C 38 21.53 16.03 0.87
CA VAL C 38 22.08 14.79 0.34
C VAL C 38 20.96 13.80 0.14
N ALA C 39 21.13 12.91 -0.85
CA ALA C 39 20.22 11.77 -1.03
C ALA C 39 20.78 10.59 -0.26
N VAL C 40 19.91 9.87 0.46
CA VAL C 40 20.35 8.80 1.35
C VAL C 40 19.56 7.53 1.10
N LYS C 41 20.26 6.44 0.77
CA LYS C 41 19.64 5.15 0.50
C LYS C 41 19.80 4.20 1.67
N GLN C 42 18.79 3.37 1.91
CA GLN C 42 18.85 2.34 2.96
C GLN C 42 17.85 1.20 2.70
N LEU C 43 18.07 0.06 3.36
CA LEU C 43 17.20 -1.10 3.27
C LEU C 43 16.22 -1.17 4.44
N GLN C 44 15.30 -2.14 4.37
CA GLN C 44 14.36 -2.44 5.45
C GLN C 44 13.43 -3.59 5.05
N GLY C 47 16.14 -8.31 3.58
CA GLY C 47 16.67 -9.66 3.76
C GLY C 47 18.16 -9.75 3.42
N PRO C 48 18.76 -10.95 3.62
CA PRO C 48 20.20 -11.17 3.39
C PRO C 48 20.65 -10.92 1.96
N ASP C 49 19.85 -11.33 0.97
CA ASP C 49 20.17 -11.12 -0.44
C ASP C 49 20.37 -9.65 -0.77
N GLN C 50 19.47 -8.82 -0.26
CA GLN C 50 19.51 -7.39 -0.56
C GLN C 50 20.60 -6.66 0.20
N GLN C 51 20.84 -7.05 1.45
CA GLN C 51 21.97 -6.51 2.23
C GLN C 51 23.28 -6.75 1.49
N ARG C 52 23.41 -7.96 0.94
CA ARG C 52 24.57 -8.36 0.16
C ARG C 52 24.75 -7.48 -1.08
N ASP C 53 23.70 -7.38 -1.89
CA ASP C 53 23.72 -6.55 -3.10
C ASP C 53 23.98 -5.08 -2.77
N PHE C 54 23.36 -4.61 -1.69
CA PHE C 54 23.53 -3.25 -1.20
C PHE C 54 24.99 -2.97 -0.84
N GLN C 55 25.62 -3.88 -0.11
CA GLN C 55 27.03 -3.73 0.23
C GLN C 55 27.92 -3.68 -1.00
N ARG C 56 27.57 -4.45 -2.04
CA ARG C 56 28.27 -4.37 -3.33
C ARG C 56 27.99 -3.03 -4.03
N GLU C 57 26.76 -2.57 -3.95
CA GLU C 57 26.38 -1.29 -4.56
C GLU C 57 27.19 -0.13 -3.98
N ILE C 58 27.40 -0.13 -2.67
CA ILE C 58 28.15 0.96 -2.03
C ILE C 58 29.59 0.99 -2.54
N GLN C 59 30.21 -0.17 -2.70
CA GLN C 59 31.59 -0.25 -3.17
C GLN C 59 31.74 0.13 -4.65
N ILE C 60 30.76 -0.27 -5.47
CA ILE C 60 30.76 0.08 -6.88
C ILE C 60 30.63 1.59 -7.06
N LEU C 61 29.58 2.19 -6.50
CA LEU C 61 29.36 3.64 -6.61
C LEU C 61 30.61 4.40 -6.15
N LYS C 62 31.17 3.96 -5.03
CA LYS C 62 32.37 4.59 -4.45
C LYS C 62 33.56 4.59 -5.43
N ALA C 63 33.70 3.51 -6.19
CA ALA C 63 34.84 3.34 -7.09
C ALA C 63 34.67 4.04 -8.44
N LEU C 64 33.45 4.47 -8.75
CA LEU C 64 33.15 5.11 -10.04
C LEU C 64 33.28 6.63 -9.95
N HIS C 65 34.01 7.21 -10.91
CA HIS C 65 34.17 8.66 -11.02
C HIS C 65 33.91 9.13 -12.45
N SER C 66 32.69 9.62 -12.67
CA SER C 66 32.27 10.15 -13.96
C SER C 66 31.30 11.29 -13.72
N ASP C 67 31.31 12.29 -14.61
CA ASP C 67 30.36 13.39 -14.53
C ASP C 67 28.93 12.91 -14.79
N PHE C 68 28.79 11.70 -15.32
CA PHE C 68 27.49 11.19 -15.76
C PHE C 68 27.02 9.99 -14.93
N ILE C 69 27.56 9.88 -13.71
CA ILE C 69 27.18 8.83 -12.76
C ILE C 69 27.04 9.48 -11.39
N VAL C 70 25.97 9.15 -10.67
CA VAL C 70 25.72 9.79 -9.37
C VAL C 70 26.92 9.64 -8.45
N LYS C 71 27.24 10.72 -7.76
CA LYS C 71 28.44 10.80 -6.94
C LYS C 71 28.20 10.18 -5.57
N TYR C 72 29.03 9.20 -5.22
CA TYR C 72 29.14 8.70 -3.85
C TYR C 72 29.71 9.82 -2.99
N ARG C 73 29.07 10.06 -1.84
N ARG C 73 29.08 10.05 -1.84
CA ARG C 73 29.54 11.03 -0.86
CA ARG C 73 29.54 11.03 -0.86
C ARG C 73 30.10 10.33 0.39
C ARG C 73 30.09 10.35 0.40
N GLY C 74 29.42 9.28 0.84
CA GLY C 74 29.89 8.51 1.98
C GLY C 74 28.90 7.48 2.48
N VAL C 75 29.11 7.03 3.71
CA VAL C 75 28.18 6.12 4.38
C VAL C 75 27.84 6.65 5.77
N SER C 76 26.77 6.11 6.34
CA SER C 76 26.37 6.41 7.70
C SER C 76 26.04 5.10 8.44
N TYR C 77 26.46 5.01 9.70
CA TYR C 77 26.13 3.85 10.54
C TYR C 77 25.14 4.27 11.61
N SER C 83 22.81 -0.79 11.39
CA SER C 83 22.30 -0.07 10.22
C SER C 83 23.43 0.35 9.28
N LEU C 84 23.05 0.69 8.04
CA LEU C 84 23.98 1.11 7.02
C LEU C 84 23.23 1.91 5.97
N ARG C 85 23.66 3.15 5.72
CA ARG C 85 23.01 4.03 4.76
C ARG C 85 24.02 4.60 3.76
N LEU C 86 23.68 4.53 2.48
CA LEU C 86 24.53 5.06 1.41
C LEU C 86 24.17 6.53 1.16
N VAL C 87 25.16 7.41 1.33
CA VAL C 87 24.95 8.85 1.17
C VAL C 87 25.46 9.29 -0.20
N MET C 88 24.60 9.97 -0.97
CA MET C 88 24.91 10.41 -2.33
C MET C 88 24.61 11.89 -2.49
N GLU C 89 25.19 12.51 -3.51
CA GLU C 89 24.83 13.88 -3.84
C GLU C 89 23.35 13.93 -4.21
N TYR C 90 22.71 15.09 -4.01
CA TYR C 90 21.29 15.26 -4.30
C TYR C 90 21.11 15.99 -5.61
N LEU C 91 20.38 15.36 -6.54
CA LEU C 91 20.06 15.97 -7.83
C LEU C 91 18.61 16.45 -7.81
N PRO C 92 18.42 17.77 -7.68
CA PRO C 92 17.09 18.32 -7.35
C PRO C 92 16.03 18.17 -8.45
N SER C 93 16.44 18.10 -9.71
CA SER C 93 15.49 17.99 -10.80
C SER C 93 14.88 16.58 -10.94
N GLY C 94 15.38 15.62 -10.16
CA GLY C 94 14.71 14.33 -10.01
C GLY C 94 14.99 13.32 -11.11
N CYS C 95 14.04 12.41 -11.29
CA CYS C 95 14.15 11.30 -12.24
C CYS C 95 13.83 11.76 -13.67
N LEU C 96 14.56 11.24 -14.65
CA LEU C 96 14.39 11.62 -16.05
C LEU C 96 13.02 11.26 -16.62
N ARG C 97 12.52 10.07 -16.24
CA ARG C 97 11.19 9.62 -16.66
CA ARG C 97 11.19 9.61 -16.66
C ARG C 97 10.15 10.70 -16.41
N ASP C 98 10.11 11.21 -15.18
CA ASP C 98 9.14 12.23 -14.79
C ASP C 98 9.46 13.60 -15.40
N PHE C 99 10.75 13.91 -15.52
CA PHE C 99 11.22 15.17 -16.10
C PHE C 99 10.77 15.32 -17.56
N LEU C 100 10.95 14.26 -18.35
CA LEU C 100 10.57 14.25 -19.77
C LEU C 100 9.07 14.44 -19.96
N GLN C 101 8.27 13.83 -19.09
CA GLN C 101 6.81 13.98 -19.14
C GLN C 101 6.39 15.39 -18.77
N ARG C 102 7.05 15.95 -17.76
CA ARG C 102 6.70 17.28 -17.24
C ARG C 102 7.06 18.40 -18.21
N HIS C 103 8.27 18.34 -18.78
CA HIS C 103 8.76 19.40 -19.65
C HIS C 103 8.79 19.01 -21.13
N ARG C 104 7.94 18.06 -21.53
CA ARG C 104 7.88 17.61 -22.93
C ARG C 104 7.77 18.78 -23.93
N ALA C 105 6.98 19.80 -23.57
CA ALA C 105 6.67 20.91 -24.48
C ALA C 105 7.86 21.82 -24.78
N ARG C 106 8.91 21.75 -23.96
CA ARG C 106 10.07 22.63 -24.11
C ARG C 106 11.40 21.85 -24.21
N LEU C 107 11.34 20.62 -24.71
CA LEU C 107 12.53 19.79 -24.92
C LEU C 107 12.58 19.25 -26.34
N ASP C 108 13.29 19.97 -27.21
CA ASP C 108 13.43 19.56 -28.62
C ASP C 108 14.34 18.35 -28.80
N ALA C 109 14.38 17.81 -30.01
CA ALA C 109 15.18 16.63 -30.34
C ALA C 109 16.67 16.78 -30.00
N SER C 110 17.23 17.97 -30.23
CA SER C 110 18.63 18.25 -29.91
C SER C 110 18.94 18.02 -28.44
N ARG C 111 18.01 18.39 -27.57
CA ARG C 111 18.18 18.24 -26.13
C ARG C 111 18.05 16.78 -25.68
N LEU C 112 17.21 16.01 -26.36
CA LEU C 112 17.14 14.56 -26.13
C LEU C 112 18.43 13.86 -26.58
N LEU C 113 19.03 14.36 -27.66
CA LEU C 113 20.33 13.84 -28.12
C LEU C 113 21.46 14.10 -27.12
N LEU C 114 21.41 15.25 -26.46
CA LEU C 114 22.37 15.58 -25.42
C LEU C 114 22.30 14.57 -24.28
N TYR C 115 21.09 14.23 -23.84
CA TYR C 115 20.92 13.26 -22.76
C TYR C 115 21.40 11.87 -23.19
N SER C 116 21.19 11.53 -24.46
CA SER C 116 21.70 10.27 -25.03
C SER C 116 23.22 10.23 -24.96
N SER C 117 23.83 11.33 -25.42
CA SER C 117 25.28 11.48 -25.44
C SER C 117 25.88 11.34 -24.03
N GLN C 118 25.29 12.03 -23.06
CA GLN C 118 25.78 11.97 -21.68
C GLN C 118 25.63 10.57 -21.08
N ILE C 119 24.47 9.94 -21.33
CA ILE C 119 24.24 8.56 -20.87
C ILE C 119 25.21 7.60 -21.53
N CYS C 120 25.45 7.79 -22.83
CA CYS C 120 26.39 6.95 -23.57
C CYS C 120 27.82 7.04 -23.00
N LYS C 121 28.25 8.26 -22.68
CA LYS C 121 29.57 8.48 -22.08
C LYS C 121 29.66 7.86 -20.69
N GLY C 122 28.60 8.03 -19.91
CA GLY C 122 28.49 7.35 -18.62
C GLY C 122 28.66 5.84 -18.73
N MET C 123 28.00 5.25 -19.74
CA MET C 123 28.08 3.82 -19.95
C MET C 123 29.39 3.41 -20.63
N GLU C 124 29.99 4.32 -21.37
CA GLU C 124 31.31 4.05 -21.92
C GLU C 124 32.31 3.92 -20.78
N TYR C 125 32.22 4.82 -19.80
CA TYR C 125 33.10 4.77 -18.64
C TYR C 125 32.85 3.51 -17.80
N LEU C 126 31.58 3.16 -17.59
CA LEU C 126 31.21 1.92 -16.89
C LEU C 126 31.88 0.70 -17.51
N GLY C 127 31.82 0.62 -18.83
CA GLY C 127 32.40 -0.51 -19.55
C GLY C 127 33.89 -0.64 -19.31
N SER C 128 34.58 0.50 -19.20
CA SER C 128 36.02 0.51 -18.99
C SER C 128 36.36 0.09 -17.56
N ARG C 129 35.41 0.28 -16.64
CA ARG C 129 35.53 -0.22 -15.28
C ARG C 129 34.95 -1.64 -15.16
N ARG C 130 34.72 -2.27 -16.32
CA ARG C 130 34.27 -3.65 -16.43
C ARG C 130 32.99 -3.91 -15.65
N CYS C 131 32.12 -2.90 -15.62
CA CYS C 131 30.89 -2.94 -14.86
C CYS C 131 29.70 -3.05 -15.79
N VAL C 132 28.74 -3.89 -15.42
CA VAL C 132 27.49 -4.03 -16.14
C VAL C 132 26.36 -3.54 -15.24
N HIS C 133 25.59 -2.56 -15.71
CA HIS C 133 24.53 -1.95 -14.92
C HIS C 133 23.36 -2.90 -14.70
N ARG C 134 22.90 -3.54 -15.78
CA ARG C 134 21.82 -4.54 -15.78
C ARG C 134 20.40 -4.00 -15.68
N ASP C 135 20.27 -2.69 -15.44
CA ASP C 135 18.96 -2.05 -15.36
C ASP C 135 19.05 -0.60 -15.86
N LEU C 136 19.67 -0.43 -17.01
CA LEU C 136 19.71 0.87 -17.66
C LEU C 136 18.34 1.19 -18.22
N ALA C 137 17.70 2.20 -17.64
CA ALA C 137 16.35 2.62 -18.06
C ALA C 137 16.12 4.04 -17.57
N ALA C 138 15.15 4.72 -18.18
CA ALA C 138 14.87 6.12 -17.88
C ALA C 138 14.54 6.36 -16.41
N ARG C 139 13.99 5.35 -15.74
CA ARG C 139 13.68 5.42 -14.31
C ARG C 139 14.93 5.49 -13.42
N ASN C 140 16.07 5.05 -13.94
CA ASN C 140 17.32 5.04 -13.18
C ASN C 140 18.29 6.12 -13.62
N ILE C 141 17.82 7.05 -14.44
CA ILE C 141 18.59 8.22 -14.82
C ILE C 141 18.07 9.44 -14.06
N LEU C 142 18.98 10.18 -13.46
CA LEU C 142 18.63 11.39 -12.72
C LEU C 142 18.98 12.62 -13.53
N VAL C 143 18.28 13.72 -13.22
CA VAL C 143 18.48 15.00 -13.90
C VAL C 143 19.15 15.98 -12.93
N GLU C 144 20.34 16.42 -13.30
CA GLU C 144 21.06 17.45 -12.56
C GLU C 144 20.47 18.80 -12.93
N SER C 145 20.46 19.08 -14.22
CA SER C 145 19.87 20.30 -14.77
C SER C 145 19.28 20.00 -16.13
N GLU C 146 18.75 21.02 -16.80
CA GLU C 146 18.15 20.84 -18.12
C GLU C 146 19.20 20.40 -19.14
N ALA C 147 20.47 20.66 -18.85
CA ALA C 147 21.56 20.30 -19.76
C ALA C 147 22.48 19.20 -19.22
N HIS C 148 22.02 18.43 -18.23
CA HIS C 148 22.90 17.46 -17.55
C HIS C 148 22.13 16.35 -16.86
N VAL C 149 22.40 15.10 -17.25
CA VAL C 149 21.83 13.91 -16.59
C VAL C 149 22.92 12.97 -16.05
N LYS C 150 22.54 12.10 -15.12
CA LYS C 150 23.44 11.11 -14.52
C LYS C 150 22.75 9.75 -14.30
N ILE C 151 23.52 8.68 -14.44
CA ILE C 151 23.03 7.32 -14.23
C ILE C 151 23.02 6.99 -12.74
N ALA C 152 21.95 6.33 -12.30
CA ALA C 152 21.79 5.96 -10.90
C ALA C 152 21.41 4.47 -10.72
N ASP C 153 21.27 4.07 -9.46
CA ASP C 153 20.84 2.72 -9.08
C ASP C 153 21.73 1.60 -9.62
N PHE C 154 22.74 1.25 -8.82
CA PHE C 154 23.67 0.19 -9.15
C PHE C 154 23.48 -1.05 -8.28
N GLY C 155 22.28 -1.20 -7.72
CA GLY C 155 21.93 -2.34 -6.89
C GLY C 155 21.98 -3.68 -7.62
N LEU C 156 21.63 -3.67 -8.91
CA LEU C 156 21.70 -4.87 -9.75
C LEU C 156 23.00 -4.94 -10.56
N ALA C 157 23.90 -3.99 -10.35
CA ALA C 157 25.14 -3.92 -11.13
C ALA C 157 26.05 -5.12 -10.84
N LYS C 158 26.71 -5.60 -11.88
CA LYS C 158 27.66 -6.70 -11.77
C LYS C 158 29.00 -6.31 -12.35
N LEU C 159 30.07 -6.81 -11.74
CA LEU C 159 31.41 -6.65 -12.26
C LEU C 159 31.75 -7.89 -13.05
N LEU C 160 32.31 -7.71 -14.23
CA LEU C 160 32.70 -8.84 -15.08
C LEU C 160 33.87 -9.54 -14.41
N PRO C 161 33.87 -10.90 -14.44
CA PRO C 161 35.05 -11.58 -13.91
C PRO C 161 36.28 -11.18 -14.70
N LEU C 162 37.41 -11.02 -14.02
CA LEU C 162 38.63 -10.48 -14.63
C LEU C 162 39.12 -11.27 -15.86
N ASP C 163 38.56 -12.45 -16.10
CA ASP C 163 38.91 -13.28 -17.25
C ASP C 163 37.73 -13.54 -18.22
N LYS C 164 36.65 -12.79 -18.06
CA LYS C 164 35.42 -13.01 -18.84
C LYS C 164 34.78 -11.70 -19.29
N ASP C 165 34.22 -11.68 -20.50
CA ASP C 165 33.49 -10.51 -21.02
C ASP C 165 31.98 -10.66 -20.81
N VAL C 168 26.99 -14.56 -16.08
CA VAL C 168 25.73 -15.32 -16.04
C VAL C 168 25.12 -15.18 -14.65
N VAL C 169 23.94 -14.57 -14.58
CA VAL C 169 23.25 -14.36 -13.30
C VAL C 169 22.24 -15.49 -13.05
N SER C 175 14.95 -5.65 -13.58
CA SER C 175 13.97 -6.68 -13.23
C SER C 175 12.82 -6.75 -14.26
N PRO C 176 12.32 -5.57 -14.72
CA PRO C 176 11.33 -5.55 -15.78
C PRO C 176 11.88 -6.05 -17.12
N ILE C 177 11.16 -6.96 -17.75
CA ILE C 177 11.66 -7.76 -18.87
C ILE C 177 11.82 -7.00 -20.20
N PHE C 178 11.16 -5.86 -20.34
CA PHE C 178 11.10 -5.16 -21.63
C PHE C 178 12.39 -4.40 -21.99
N TRP C 179 13.34 -4.33 -21.06
CA TRP C 179 14.64 -3.70 -21.30
C TRP C 179 15.78 -4.72 -21.46
N TYR C 180 15.45 -6.02 -21.40
CA TYR C 180 16.44 -7.08 -21.44
C TYR C 180 16.78 -7.50 -22.86
N ALA C 181 18.04 -7.87 -23.07
CA ALA C 181 18.48 -8.42 -24.34
C ALA C 181 18.05 -9.89 -24.43
N PRO C 182 17.87 -10.41 -25.66
CA PRO C 182 17.45 -11.80 -25.87
C PRO C 182 18.24 -12.84 -25.05
N GLU C 183 19.57 -12.72 -25.05
CA GLU C 183 20.44 -13.67 -24.34
C GLU C 183 20.25 -13.63 -22.82
N SER C 184 19.82 -12.48 -22.30
CA SER C 184 19.48 -12.34 -20.89
C SER C 184 18.20 -13.10 -20.56
N LEU C 185 17.21 -12.99 -21.44
CA LEU C 185 15.92 -13.64 -21.26
C LEU C 185 16.05 -15.17 -21.36
N SER C 186 16.86 -15.63 -22.31
CA SER C 186 17.00 -17.06 -22.59
C SER C 186 17.99 -17.77 -21.69
N ASP C 187 19.12 -17.11 -21.38
CA ASP C 187 20.22 -17.76 -20.68
C ASP C 187 20.78 -17.00 -19.46
N ASN C 188 20.09 -15.94 -19.03
CA ASN C 188 20.57 -15.09 -17.93
C ASN C 188 21.99 -14.53 -18.16
N ILE C 189 22.32 -14.26 -19.42
CA ILE C 189 23.63 -13.74 -19.78
C ILE C 189 23.58 -12.23 -19.91
N PHE C 190 24.46 -11.56 -19.16
CA PHE C 190 24.56 -10.11 -19.17
C PHE C 190 25.97 -9.70 -19.54
N SER C 191 26.09 -8.57 -20.22
CA SER C 191 27.38 -8.05 -20.65
C SER C 191 27.26 -6.56 -20.95
N ARG C 192 28.36 -5.97 -21.42
CA ARG C 192 28.34 -4.59 -21.89
C ARG C 192 27.39 -4.46 -23.09
N GLN C 193 27.35 -5.50 -23.91
CA GLN C 193 26.49 -5.53 -25.08
C GLN C 193 25.01 -5.71 -24.72
N SER C 194 24.71 -6.29 -23.56
CA SER C 194 23.32 -6.33 -23.09
C SER C 194 22.92 -4.97 -22.52
N ASP C 195 23.89 -4.28 -21.90
CA ASP C 195 23.70 -2.86 -21.56
C ASP C 195 23.46 -1.99 -22.80
N VAL C 196 24.06 -2.34 -23.93
CA VAL C 196 23.84 -1.62 -25.18
C VAL C 196 22.42 -1.83 -25.67
N TRP C 197 21.95 -3.07 -25.64
CA TRP C 197 20.55 -3.36 -25.98
C TRP C 197 19.63 -2.44 -25.18
N SER C 198 19.84 -2.38 -23.87
CA SER C 198 19.04 -1.54 -22.98
C SER C 198 19.13 -0.05 -23.36
N PHE C 199 20.32 0.40 -23.75
CA PHE C 199 20.50 1.80 -24.19
C PHE C 199 19.60 2.12 -25.36
N GLY C 200 19.42 1.17 -26.29
CA GLY C 200 18.46 1.34 -27.38
C GLY C 200 17.06 1.62 -26.89
N VAL C 201 16.66 0.96 -25.80
CA VAL C 201 15.34 1.18 -25.21
C VAL C 201 15.27 2.52 -24.47
N VAL C 202 16.37 3.00 -23.89
CA VAL C 202 16.32 4.34 -23.25
C VAL C 202 16.28 5.44 -24.31
N LEU C 203 16.91 5.20 -25.46
CA LEU C 203 16.76 6.08 -26.61
C LEU C 203 15.29 6.15 -27.02
N TYR C 204 14.65 4.99 -27.11
CA TYR C 204 13.22 4.92 -27.37
C TYR C 204 12.43 5.71 -26.33
N GLU C 205 12.77 5.52 -25.05
CA GLU C 205 12.10 6.22 -23.96
C GLU C 205 12.26 7.73 -24.06
N LEU C 206 13.46 8.16 -24.42
CA LEU C 206 13.77 9.59 -24.58
C LEU C 206 12.89 10.21 -25.67
N PHE C 207 12.84 9.55 -26.82
CA PHE C 207 12.12 10.08 -27.98
C PHE C 207 10.62 9.76 -28.02
N THR C 208 10.12 9.05 -27.00
CA THR C 208 8.68 8.99 -26.74
C THR C 208 8.30 9.89 -25.56
N TYR C 209 9.30 10.53 -24.94
CA TYR C 209 9.13 11.35 -23.74
C TYR C 209 8.53 10.54 -22.57
N CYS C 210 8.88 9.25 -22.50
CA CYS C 210 8.36 8.33 -21.50
C CYS C 210 6.84 8.37 -21.41
N ASP C 211 6.19 8.54 -22.56
CA ASP C 211 4.74 8.54 -22.67
C ASP C 211 4.23 7.13 -22.30
N LYS C 212 3.24 7.08 -21.43
CA LYS C 212 2.74 5.81 -20.89
C LYS C 212 2.05 4.95 -21.95
N SER C 213 1.36 5.60 -22.88
CA SER C 213 0.56 4.90 -23.89
C SER C 213 1.41 4.11 -24.88
N CYS C 214 2.64 4.58 -25.14
CA CYS C 214 3.56 3.88 -26.05
C CYS C 214 4.90 3.58 -25.38
N SER C 215 4.84 3.16 -24.11
CA SER C 215 6.04 2.74 -23.38
C SER C 215 6.49 1.38 -23.89
N PRO C 216 7.72 0.95 -23.54
CA PRO C 216 8.19 -0.37 -23.98
C PRO C 216 7.25 -1.52 -23.59
N SER C 217 6.71 -1.47 -22.39
CA SER C 217 5.79 -2.50 -21.92
C SER C 217 4.49 -2.51 -22.74
N ALA C 218 3.87 -1.34 -22.88
CA ALA C 218 2.60 -1.21 -23.60
C ALA C 218 2.69 -1.73 -25.03
N GLU C 219 3.77 -1.38 -25.72
CA GLU C 219 3.96 -1.79 -27.11
C GLU C 219 4.24 -3.30 -27.21
N PHE C 220 5.15 -3.81 -26.38
CA PHE C 220 5.47 -5.25 -26.38
C PHE C 220 4.29 -6.12 -25.92
N LEU C 221 3.54 -5.66 -24.92
CA LEU C 221 2.39 -6.41 -24.40
C LEU C 221 1.28 -6.55 -25.45
N ARG C 222 1.18 -5.57 -26.35
CA ARG C 222 0.24 -5.60 -27.46
C ARG C 222 0.58 -6.73 -28.45
N MET C 223 1.87 -7.01 -28.61
CA MET C 223 2.35 -7.97 -29.60
C MET C 223 2.56 -9.35 -28.98
N PRO C 231 3.02 -17.48 -20.95
CA PRO C 231 4.13 -16.94 -20.17
C PRO C 231 4.78 -15.74 -20.86
N ALA C 232 4.67 -14.57 -20.23
CA ALA C 232 5.08 -13.29 -20.83
C ALA C 232 6.53 -13.27 -21.31
N LEU C 233 7.45 -13.77 -20.48
CA LEU C 233 8.88 -13.76 -20.80
C LEU C 233 9.19 -14.55 -22.07
N SER C 234 8.69 -15.78 -22.13
CA SER C 234 8.89 -16.64 -23.29
C SER C 234 8.24 -16.06 -24.54
N ARG C 235 7.05 -15.48 -24.36
CA ARG C 235 6.37 -14.73 -25.42
C ARG C 235 7.27 -13.64 -25.98
N LEU C 236 7.77 -12.78 -25.09
CA LEU C 236 8.65 -11.67 -25.47
C LEU C 236 9.94 -12.18 -26.12
N LEU C 237 10.51 -13.24 -25.56
CA LEU C 237 11.72 -13.84 -26.10
C LEU C 237 11.52 -14.30 -27.54
N GLU C 238 10.44 -15.04 -27.79
CA GLU C 238 10.11 -15.51 -29.13
C GLU C 238 9.89 -14.34 -30.09
N LEU C 239 9.19 -13.33 -29.59
CA LEU C 239 8.92 -12.11 -30.36
C LEU C 239 10.24 -11.44 -30.78
N LEU C 240 11.21 -11.38 -29.87
CA LEU C 240 12.52 -10.81 -30.18
C LEU C 240 13.35 -11.71 -31.12
N GLU C 241 13.27 -13.02 -30.95
CA GLU C 241 13.95 -13.96 -31.84
C GLU C 241 13.36 -13.92 -33.26
N GLU C 242 12.08 -13.57 -33.36
CA GLU C 242 11.39 -13.45 -34.65
C GLU C 242 11.80 -12.18 -35.41
N GLY C 243 12.38 -11.22 -34.71
CA GLY C 243 12.86 -9.97 -35.32
C GLY C 243 12.00 -8.77 -35.01
N GLN C 244 11.02 -8.93 -34.12
CA GLN C 244 10.19 -7.80 -33.72
C GLN C 244 10.92 -6.88 -32.75
N ARG C 245 10.85 -5.58 -33.05
CA ARG C 245 11.43 -4.54 -32.21
C ARG C 245 10.38 -3.50 -31.92
N LEU C 246 10.71 -2.57 -31.02
CA LEU C 246 9.87 -1.41 -30.79
C LEU C 246 9.84 -0.55 -32.06
N PRO C 247 8.71 0.14 -32.31
CA PRO C 247 8.63 0.95 -33.52
C PRO C 247 9.44 2.23 -33.41
N ALA C 248 9.53 2.96 -34.51
CA ALA C 248 10.12 4.30 -34.48
C ALA C 248 9.18 5.21 -33.69
N PRO C 249 9.67 5.89 -32.65
CA PRO C 249 8.80 6.82 -31.94
C PRO C 249 8.21 7.87 -32.87
N PRO C 250 6.97 8.32 -32.61
CA PRO C 250 6.38 9.36 -33.45
C PRO C 250 7.26 10.61 -33.53
N ALA C 251 7.58 11.03 -34.75
CA ALA C 251 8.43 12.20 -35.01
C ALA C 251 9.90 12.00 -34.65
N CYS C 252 10.33 10.75 -34.52
CA CYS C 252 11.74 10.45 -34.23
C CYS C 252 12.55 10.55 -35.52
N PRO C 253 13.66 11.29 -35.48
CA PRO C 253 14.54 11.31 -36.66
C PRO C 253 14.97 9.90 -37.05
N ALA C 254 14.81 9.55 -38.32
CA ALA C 254 15.15 8.21 -38.82
C ALA C 254 16.57 7.80 -38.45
N GLU C 255 17.49 8.76 -38.46
CA GLU C 255 18.89 8.50 -38.16
C GLU C 255 19.10 8.04 -36.73
N VAL C 256 18.27 8.54 -35.82
CA VAL C 256 18.29 8.09 -34.42
C VAL C 256 17.65 6.70 -34.31
N HIS C 257 16.55 6.50 -35.05
CA HIS C 257 15.88 5.20 -35.06
C HIS C 257 16.78 4.08 -35.58
N GLU C 258 17.62 4.39 -36.57
CA GLU C 258 18.57 3.41 -37.09
C GLU C 258 19.60 3.01 -36.04
N LEU C 259 19.99 3.95 -35.18
CA LEU C 259 20.91 3.64 -34.08
C LEU C 259 20.29 2.70 -33.05
N MET C 260 19.01 2.90 -32.72
CA MET C 260 18.29 1.98 -31.84
C MET C 260 18.34 0.55 -32.39
N LYS C 261 18.05 0.42 -33.68
CA LYS C 261 18.03 -0.89 -34.34
C LYS C 261 19.40 -1.58 -34.33
N LEU C 262 20.47 -0.80 -34.34
CA LEU C 262 21.83 -1.35 -34.21
C LEU C 262 22.08 -1.84 -32.78
N CYS C 263 21.59 -1.10 -31.80
CA CYS C 263 21.64 -1.54 -30.41
C CYS C 263 20.85 -2.82 -30.16
N TRP C 264 19.80 -3.06 -30.97
CA TRP C 264 18.99 -4.26 -30.85
C TRP C 264 19.37 -5.37 -31.85
N ALA C 265 20.61 -5.40 -32.31
CA ALA C 265 21.04 -6.50 -33.21
C ALA C 265 20.87 -7.84 -32.49
N PRO C 266 20.47 -8.90 -33.23
CA PRO C 266 20.22 -10.18 -32.55
C PRO C 266 21.42 -10.66 -31.73
N SER C 267 22.59 -10.70 -32.36
CA SER C 267 23.82 -11.17 -31.71
C SER C 267 24.50 -10.03 -30.92
N PRO C 268 25.01 -10.33 -29.70
CA PRO C 268 25.76 -9.32 -28.93
C PRO C 268 26.95 -8.72 -29.69
N GLN C 269 27.70 -9.56 -30.39
CA GLN C 269 28.88 -9.12 -31.15
C GLN C 269 28.58 -8.12 -32.28
N ASP C 270 27.35 -8.15 -32.80
CA ASP C 270 26.97 -7.26 -33.89
C ASP C 270 26.46 -5.89 -33.40
N ARG C 271 26.35 -5.72 -32.10
CA ARG C 271 25.95 -4.43 -31.53
C ARG C 271 27.16 -3.51 -31.43
N PRO C 272 26.94 -2.21 -31.62
CA PRO C 272 28.04 -1.26 -31.49
C PRO C 272 28.38 -1.05 -30.02
N SER C 273 29.66 -0.89 -29.73
CA SER C 273 30.09 -0.54 -28.39
C SER C 273 29.65 0.88 -28.07
N PHE C 274 29.68 1.25 -26.79
CA PHE C 274 29.37 2.63 -26.41
C PHE C 274 30.40 3.61 -26.98
N SER C 275 31.62 3.14 -27.21
CA SER C 275 32.65 3.96 -27.86
C SER C 275 32.31 4.29 -29.30
N ALA C 276 31.65 3.37 -29.99
CA ALA C 276 31.23 3.57 -31.38
C ALA C 276 29.95 4.40 -31.50
N LEU C 277 29.08 4.31 -30.50
CA LEU C 277 27.81 5.04 -30.49
C LEU C 277 27.99 6.52 -30.21
N GLY C 278 28.86 6.83 -29.25
CA GLY C 278 29.08 8.19 -28.77
C GLY C 278 29.25 9.23 -29.87
N PRO C 279 30.23 9.01 -30.77
CA PRO C 279 30.44 9.89 -31.91
C PRO C 279 29.30 9.91 -32.91
N GLN C 280 28.62 8.79 -33.10
CA GLN C 280 27.48 8.74 -34.01
C GLN C 280 26.30 9.53 -33.49
N LEU C 281 26.13 9.59 -32.18
CA LEU C 281 25.11 10.43 -31.56
C LEU C 281 25.51 11.90 -31.66
N ASP C 282 26.72 12.22 -31.22
CA ASP C 282 27.21 13.61 -31.18
C ASP C 282 27.25 14.26 -32.57
N MET C 283 27.51 13.45 -33.59
CA MET C 283 27.68 13.97 -34.96
C MET C 283 26.39 13.99 -35.79
N LEU C 284 25.23 13.97 -35.13
CA LEU C 284 23.95 14.22 -35.79
C LEU C 284 23.57 15.69 -35.60
N THR D 1 24.86 -40.76 -7.67
CA THR D 1 25.07 -40.32 -6.25
C THR D 1 25.53 -41.45 -5.33
N ILE D 2 25.16 -42.69 -5.64
CA ILE D 2 25.71 -43.86 -4.96
C ILE D 2 26.70 -44.58 -5.87
N PHE D 3 27.97 -44.56 -5.46
CA PHE D 3 29.06 -45.17 -6.20
C PHE D 3 29.43 -46.50 -5.58
N GLU D 4 29.27 -47.59 -6.34
CA GLU D 4 29.60 -48.92 -5.83
C GLU D 4 31.11 -49.07 -5.56
N GLU D 5 31.43 -49.52 -4.35
CA GLU D 5 32.81 -49.64 -3.89
C GLU D 5 33.74 -50.37 -4.87
N ARG D 6 33.26 -51.46 -5.45
CA ARG D 6 34.09 -52.29 -6.34
C ARG D 6 34.46 -51.63 -7.66
N HIS D 7 33.74 -50.59 -8.05
CA HIS D 7 34.02 -49.89 -9.30
C HIS D 7 34.94 -48.68 -9.12
N LEU D 8 35.20 -48.30 -7.85
CA LEU D 8 36.21 -47.30 -7.54
C LEU D 8 37.59 -47.91 -7.63
N LYS D 9 38.31 -47.62 -8.70
CA LYS D 9 39.65 -48.16 -8.92
C LYS D 9 40.69 -47.22 -8.31
N TYR D 10 41.42 -47.69 -7.31
CA TYR D 10 42.45 -46.87 -6.67
C TYR D 10 43.61 -46.55 -7.63
N ILE D 11 43.99 -45.27 -7.66
CA ILE D 11 45.11 -44.83 -8.47
C ILE D 11 46.25 -44.35 -7.57
N SER D 12 46.04 -43.22 -6.89
CA SER D 12 47.10 -42.64 -6.06
C SER D 12 46.56 -41.87 -4.86
N GLN D 13 47.48 -41.49 -3.97
CA GLN D 13 47.14 -40.73 -2.78
C GLN D 13 47.20 -39.25 -3.15
N LEU D 14 46.18 -38.49 -2.75
CA LEU D 14 46.16 -37.05 -2.99
C LEU D 14 46.55 -36.25 -1.75
N GLY D 15 46.43 -36.86 -0.57
CA GLY D 15 46.90 -36.25 0.67
C GLY D 15 45.89 -36.33 1.79
N LYS D 16 46.18 -35.64 2.88
CA LYS D 16 45.34 -35.67 4.08
C LYS D 16 44.82 -34.28 4.43
N GLY D 17 43.56 -34.20 4.82
CA GLY D 17 42.95 -32.97 5.31
C GLY D 17 43.22 -32.78 6.79
N ASN D 18 42.33 -32.05 7.47
CA ASN D 18 42.46 -31.83 8.91
C ASN D 18 41.95 -33.05 9.68
N PHE D 19 41.78 -34.15 8.95
CA PHE D 19 40.63 -34.99 9.16
C PHE D 19 40.85 -36.46 8.78
N GLY D 20 41.03 -36.71 7.49
CA GLY D 20 41.17 -38.08 6.99
C GLY D 20 42.17 -38.18 5.85
N SER D 21 41.80 -38.95 4.84
CA SER D 21 42.67 -39.21 3.69
C SER D 21 41.88 -39.01 2.40
N VAL D 22 42.53 -38.44 1.38
CA VAL D 22 41.90 -38.25 0.06
C VAL D 22 42.68 -39.01 -1.00
N GLU D 23 41.96 -39.79 -1.80
CA GLU D 23 42.57 -40.63 -2.83
C GLU D 23 42.04 -40.27 -4.22
N LEU D 24 42.89 -40.47 -5.23
CA LEU D 24 42.47 -40.36 -6.63
C LEU D 24 42.03 -41.73 -7.10
N CYS D 25 40.81 -41.81 -7.62
CA CYS D 25 40.27 -43.07 -8.15
C CYS D 25 39.66 -42.85 -9.52
N ARG D 26 39.52 -43.95 -10.27
CA ARG D 26 38.70 -43.93 -11.47
C ARG D 26 37.42 -44.71 -11.17
N TYR D 27 36.27 -44.05 -11.31
CA TYR D 27 35.00 -44.75 -11.19
C TYR D 27 34.73 -45.43 -12.53
N ASP D 28 34.85 -46.75 -12.55
CA ASP D 28 34.86 -47.51 -13.79
C ASP D 28 33.88 -48.68 -13.76
N PRO D 29 32.57 -48.40 -13.90
CA PRO D 29 31.57 -49.46 -13.93
C PRO D 29 31.74 -50.41 -15.11
N LEU D 30 32.09 -49.87 -16.28
CA LEU D 30 32.25 -50.65 -17.51
C LEU D 30 33.49 -51.55 -17.45
N GLY D 31 34.49 -51.18 -16.66
CA GLY D 31 35.66 -52.03 -16.44
C GLY D 31 36.68 -52.02 -17.58
N ASP D 32 36.85 -50.86 -18.20
CA ASP D 32 37.78 -50.70 -19.34
C ASP D 32 38.62 -49.41 -19.23
N ASN D 33 38.70 -48.84 -18.03
CA ASN D 33 39.37 -47.56 -17.80
C ASN D 33 38.87 -46.39 -18.67
N THR D 34 37.58 -46.39 -18.97
CA THR D 34 36.94 -45.29 -19.69
C THR D 34 36.18 -44.38 -18.72
N GLY D 35 36.16 -44.77 -17.45
CA GLY D 35 35.38 -44.06 -16.44
C GLY D 35 36.05 -42.78 -15.97
N ALA D 36 35.30 -41.96 -15.25
CA ALA D 36 35.79 -40.66 -14.80
C ALA D 36 36.76 -40.78 -13.64
N LEU D 37 37.67 -39.81 -13.53
CA LEU D 37 38.50 -39.66 -12.35
C LEU D 37 37.73 -38.86 -11.30
N VAL D 38 37.82 -39.31 -10.05
CA VAL D 38 37.17 -38.68 -8.92
C VAL D 38 38.10 -38.65 -7.72
N ALA D 39 37.91 -37.66 -6.84
CA ALA D 39 38.64 -37.61 -5.57
C ALA D 39 37.76 -38.22 -4.50
N VAL D 40 38.31 -39.12 -3.70
CA VAL D 40 37.54 -39.86 -2.71
C VAL D 40 38.15 -39.68 -1.31
N LYS D 41 37.33 -39.21 -0.37
CA LYS D 41 37.76 -38.99 1.01
C LYS D 41 37.22 -40.08 1.92
N GLN D 42 38.05 -40.51 2.87
CA GLN D 42 37.65 -41.47 3.91
C GLN D 42 38.43 -41.23 5.20
N LEU D 43 37.99 -41.89 6.28
CA LEU D 43 38.70 -41.86 7.57
C LEU D 43 39.42 -43.18 7.81
N GLN D 44 40.34 -43.18 8.78
CA GLN D 44 40.97 -44.42 9.24
C GLN D 44 41.60 -44.25 10.63
N GLY D 47 38.31 -41.86 14.92
CA GLY D 47 37.46 -42.06 16.10
C GLY D 47 36.04 -41.54 15.90
N PRO D 48 35.18 -41.72 16.92
CA PRO D 48 33.77 -41.29 16.86
C PRO D 48 33.55 -39.80 16.58
N ASP D 49 34.49 -38.97 17.02
CA ASP D 49 34.36 -37.52 16.95
C ASP D 49 34.49 -37.01 15.51
N GLN D 50 35.49 -37.51 14.79
CA GLN D 50 35.69 -37.13 13.38
C GLN D 50 34.72 -37.88 12.47
N GLN D 51 34.26 -39.06 12.89
CA GLN D 51 33.19 -39.77 12.19
C GLN D 51 31.92 -38.92 12.10
N ARG D 52 31.57 -38.27 13.20
CA ARG D 52 30.46 -37.31 13.22
C ARG D 52 30.71 -36.11 12.32
N ASP D 53 31.86 -35.48 12.49
CA ASP D 53 32.23 -34.31 11.68
C ASP D 53 32.27 -34.66 10.19
N PHE D 54 32.62 -35.91 9.88
CA PHE D 54 32.64 -36.40 8.51
C PHE D 54 31.23 -36.45 7.93
N GLN D 55 30.30 -36.98 8.70
CA GLN D 55 28.89 -37.04 8.31
C GLN D 55 28.30 -35.65 8.07
N ARG D 56 28.73 -34.67 8.89
CA ARG D 56 28.34 -33.28 8.69
C ARG D 56 28.99 -32.69 7.43
N GLU D 57 30.28 -32.94 7.25
CA GLU D 57 31.00 -32.48 6.06
C GLU D 57 30.32 -32.96 4.77
N ILE D 58 29.90 -34.22 4.74
CA ILE D 58 29.24 -34.79 3.55
C ILE D 58 27.95 -34.01 3.21
N GLN D 59 27.10 -33.79 4.20
CA GLN D 59 25.84 -33.10 3.97
C GLN D 59 26.03 -31.63 3.63
N ILE D 60 27.05 -31.01 4.23
CA ILE D 60 27.37 -29.62 3.94
C ILE D 60 27.78 -29.48 2.47
N LEU D 61 28.80 -30.22 2.06
CA LEU D 61 29.30 -30.16 0.68
C LEU D 61 28.21 -30.48 -0.34
N LYS D 62 27.37 -31.47 -0.01
CA LYS D 62 26.26 -31.86 -0.86
C LYS D 62 25.27 -30.70 -1.10
N ALA D 63 25.07 -29.88 -0.08
CA ALA D 63 24.07 -28.81 -0.14
C ALA D 63 24.59 -27.53 -0.80
N LEU D 64 25.91 -27.41 -0.94
CA LEU D 64 26.53 -26.21 -1.51
C LEU D 64 26.70 -26.31 -3.03
N HIS D 65 26.21 -25.29 -3.73
CA HIS D 65 26.32 -25.22 -5.20
C HIS D 65 26.97 -23.89 -5.61
N SER D 66 28.24 -23.97 -5.96
CA SER D 66 29.01 -22.81 -6.40
C SER D 66 30.14 -23.23 -7.34
N ASP D 67 30.45 -22.38 -8.31
CA ASP D 67 31.59 -22.61 -9.20
C ASP D 67 32.95 -22.58 -8.49
N PHE D 68 32.98 -22.07 -7.26
CA PHE D 68 34.24 -21.90 -6.53
C PHE D 68 34.29 -22.74 -5.25
N ILE D 69 33.44 -23.77 -5.20
CA ILE D 69 33.49 -24.77 -4.14
C ILE D 69 33.46 -26.15 -4.80
N VAL D 70 34.34 -27.05 -4.34
CA VAL D 70 34.46 -28.40 -4.93
C VAL D 70 33.08 -29.05 -5.06
N LYS D 71 32.80 -29.63 -6.22
CA LYS D 71 31.53 -30.32 -6.44
C LYS D 71 31.52 -31.66 -5.70
N TYR D 72 30.52 -31.82 -4.85
CA TYR D 72 30.13 -33.12 -4.32
C TYR D 72 29.58 -33.93 -5.49
N ARG D 73 29.97 -35.19 -5.57
CA ARG D 73 29.42 -36.08 -6.58
C ARG D 73 28.57 -37.21 -5.97
N GLY D 74 28.98 -37.70 -4.81
CA GLY D 74 28.23 -38.77 -4.14
C GLY D 74 28.94 -39.40 -2.96
N VAL D 75 28.52 -40.60 -2.59
CA VAL D 75 29.15 -41.39 -1.54
C VAL D 75 29.28 -42.85 -1.97
N SER D 76 30.21 -43.56 -1.34
CA SER D 76 30.38 -45.00 -1.52
C SER D 76 30.30 -45.70 -0.16
N TYR D 77 29.63 -46.85 -0.14
CA TYR D 77 29.54 -47.70 1.06
C TYR D 77 30.38 -48.96 0.87
N SER D 83 31.63 -48.82 6.42
CA SER D 83 32.50 -47.81 5.81
C SER D 83 31.68 -46.71 5.13
N LEU D 84 32.34 -45.58 4.89
CA LEU D 84 31.71 -44.44 4.24
C LEU D 84 32.78 -43.60 3.55
N ARG D 85 32.57 -43.30 2.28
CA ARG D 85 33.54 -42.54 1.50
C ARG D 85 32.85 -41.39 0.78
N LEU D 86 33.48 -40.22 0.81
CA LEU D 86 32.94 -39.01 0.17
C LEU D 86 33.55 -38.85 -1.21
N VAL D 87 32.73 -38.96 -2.25
CA VAL D 87 33.22 -38.86 -3.64
C VAL D 87 33.05 -37.44 -4.18
N MET D 88 34.14 -36.85 -4.67
CA MET D 88 34.12 -35.49 -5.19
C MET D 88 34.77 -35.44 -6.58
N GLU D 89 34.56 -34.33 -7.28
CA GLU D 89 35.21 -34.12 -8.58
C GLU D 89 36.71 -34.00 -8.37
N TYR D 90 37.48 -34.41 -9.36
CA TYR D 90 38.93 -34.37 -9.28
C TYR D 90 39.42 -33.13 -10.00
N LEU D 91 40.13 -32.26 -9.27
CA LEU D 91 40.79 -31.09 -9.84
C LEU D 91 42.27 -31.42 -10.05
N PRO D 92 42.68 -31.59 -11.32
CA PRO D 92 44.00 -32.15 -11.61
C PRO D 92 45.20 -31.27 -11.26
N SER D 93 45.06 -29.95 -11.32
CA SER D 93 46.19 -29.04 -11.07
C SER D 93 46.62 -28.95 -9.59
N GLY D 94 45.86 -29.59 -8.69
CA GLY D 94 46.29 -29.78 -7.31
C GLY D 94 45.98 -28.63 -6.36
N CYS D 95 46.80 -28.52 -5.32
CA CYS D 95 46.62 -27.54 -4.26
C CYS D 95 47.25 -26.19 -4.63
N LEU D 96 46.57 -25.10 -4.26
CA LEU D 96 47.02 -23.74 -4.60
C LEU D 96 48.40 -23.43 -4.03
N ARG D 97 48.61 -23.80 -2.77
CA ARG D 97 49.90 -23.63 -2.12
C ARG D 97 51.04 -24.13 -3.02
N ASP D 98 50.97 -25.40 -3.41
CA ASP D 98 52.00 -26.01 -4.26
C ASP D 98 52.01 -25.41 -5.67
N PHE D 99 50.83 -25.09 -6.19
CA PHE D 99 50.67 -24.49 -7.51
C PHE D 99 51.34 -23.12 -7.63
N LEU D 100 51.23 -22.31 -6.58
CA LEU D 100 51.84 -20.98 -6.56
C LEU D 100 53.36 -21.05 -6.50
N GLN D 101 53.89 -21.95 -5.66
CA GLN D 101 55.33 -22.14 -5.55
C GLN D 101 55.92 -22.64 -6.86
N ARG D 102 55.22 -23.55 -7.50
CA ARG D 102 55.68 -24.19 -8.73
C ARG D 102 55.69 -23.25 -9.94
N HIS D 103 54.63 -22.46 -10.09
CA HIS D 103 54.45 -21.59 -11.26
C HIS D 103 54.64 -20.10 -10.92
N ARG D 104 55.35 -19.81 -9.84
CA ARG D 104 55.59 -18.41 -9.42
C ARG D 104 56.08 -17.51 -10.55
N ALA D 105 57.02 -18.02 -11.34
CA ALA D 105 57.65 -17.25 -12.41
C ALA D 105 56.70 -16.78 -13.51
N ARG D 106 55.52 -17.41 -13.62
CA ARG D 106 54.59 -17.13 -14.71
C ARG D 106 53.21 -16.67 -14.24
N LEU D 107 53.12 -16.21 -12.99
CA LEU D 107 51.84 -15.75 -12.41
C LEU D 107 51.94 -14.30 -11.93
N ASP D 108 51.47 -13.36 -12.76
CA ASP D 108 51.49 -11.94 -12.40
C ASP D 108 50.41 -11.58 -11.37
N ALA D 109 50.41 -10.33 -10.92
CA ALA D 109 49.51 -9.87 -9.87
C ALA D 109 48.04 -9.94 -10.27
N SER D 110 47.76 -9.67 -11.55
CA SER D 110 46.40 -9.74 -12.07
C SER D 110 45.80 -11.13 -11.88
N ARG D 111 46.64 -12.14 -12.04
CA ARG D 111 46.22 -13.53 -11.89
C ARG D 111 46.01 -13.90 -10.42
N LEU D 112 46.85 -13.36 -9.53
CA LEU D 112 46.66 -13.56 -8.09
C LEU D 112 45.37 -12.89 -7.63
N LEU D 113 45.07 -11.73 -8.20
CA LEU D 113 43.81 -11.03 -7.92
C LEU D 113 42.59 -11.85 -8.38
N LEU D 114 42.71 -12.49 -9.54
CA LEU D 114 41.65 -13.37 -10.04
C LEU D 114 41.34 -14.49 -9.04
N TYR D 115 42.38 -15.11 -8.49
CA TYR D 115 42.18 -16.18 -7.49
C TYR D 115 41.53 -15.62 -6.23
N SER D 116 41.98 -14.44 -5.80
CA SER D 116 41.38 -13.73 -4.67
C SER D 116 39.90 -13.51 -4.91
N SER D 117 39.57 -13.01 -6.09
CA SER D 117 38.19 -12.73 -6.48
C SER D 117 37.32 -13.99 -6.42
N GLN D 118 37.83 -15.09 -6.96
CA GLN D 118 37.11 -16.36 -7.00
C GLN D 118 36.90 -16.94 -5.59
N ILE D 119 37.94 -16.89 -4.77
CA ILE D 119 37.84 -17.35 -3.38
C ILE D 119 36.83 -16.48 -2.64
N CYS D 120 36.89 -15.18 -2.88
CA CYS D 120 35.95 -14.24 -2.28
C CYS D 120 34.48 -14.54 -2.63
N LYS D 121 34.22 -14.83 -3.90
CA LYS D 121 32.86 -15.20 -4.34
C LYS D 121 32.40 -16.51 -3.71
N GLY D 122 33.29 -17.50 -3.65
CA GLY D 122 32.99 -18.75 -2.99
C GLY D 122 32.59 -18.54 -1.54
N MET D 123 33.32 -17.65 -0.86
CA MET D 123 33.08 -17.35 0.54
C MET D 123 31.80 -16.54 0.73
N GLU D 124 31.55 -15.58 -0.15
CA GLU D 124 30.31 -14.82 -0.12
C GLU D 124 29.13 -15.78 -0.15
N TYR D 125 29.19 -16.76 -1.05
CA TYR D 125 28.16 -17.77 -1.18
C TYR D 125 28.04 -18.61 0.10
N LEU D 126 29.17 -19.02 0.65
CA LEU D 126 29.17 -19.74 1.93
C LEU D 126 28.42 -18.97 3.01
N GLY D 127 28.74 -17.68 3.14
CA GLY D 127 28.05 -16.79 4.06
C GLY D 127 26.54 -16.76 3.81
N SER D 128 26.14 -16.78 2.55
CA SER D 128 24.71 -16.78 2.20
C SER D 128 24.01 -18.08 2.63
N ARG D 129 24.78 -19.18 2.69
CA ARG D 129 24.26 -20.46 3.19
C ARG D 129 24.53 -20.62 4.69
N ARG D 130 24.91 -19.53 5.35
CA ARG D 130 25.06 -19.49 6.81
C ARG D 130 26.05 -20.53 7.31
N CYS D 131 27.16 -20.64 6.58
CA CYS D 131 28.20 -21.63 6.83
C CYS D 131 29.52 -20.93 7.08
N VAL D 132 30.25 -21.40 8.10
CA VAL D 132 31.59 -20.92 8.42
C VAL D 132 32.59 -22.02 8.09
N HIS D 133 33.59 -21.71 7.27
CA HIS D 133 34.57 -22.70 6.85
C HIS D 133 35.52 -23.09 7.97
N ARG D 134 35.99 -22.09 8.72
CA ARG D 134 36.87 -22.28 9.90
C ARG D 134 38.33 -22.64 9.63
N ASP D 135 38.64 -23.05 8.39
CA ASP D 135 40.02 -23.32 8.00
C ASP D 135 40.31 -22.85 6.58
N LEU D 136 39.91 -21.61 6.28
CA LEU D 136 40.21 -21.01 4.99
C LEU D 136 41.70 -20.72 4.92
N ALA D 137 42.38 -21.42 4.02
CA ALA D 137 43.82 -21.26 3.83
C ALA D 137 44.23 -21.82 2.48
N ALA D 138 45.41 -21.42 2.00
CA ALA D 138 45.87 -21.81 0.67
C ALA D 138 46.00 -23.32 0.49
N ARG D 139 46.30 -24.03 1.58
CA ARG D 139 46.35 -25.49 1.57
C ARG D 139 44.98 -26.15 1.34
N ASN D 140 43.90 -25.43 1.61
CA ASN D 140 42.53 -25.91 1.39
C ASN D 140 41.88 -25.31 0.14
N ILE D 141 42.66 -24.64 -0.71
CA ILE D 141 42.19 -24.17 -2.00
C ILE D 141 42.74 -25.11 -3.06
N LEU D 142 41.88 -25.54 -3.98
CA LEU D 142 42.29 -26.41 -5.07
C LEU D 142 42.37 -25.62 -6.37
N VAL D 143 43.11 -26.16 -7.34
CA VAL D 143 43.29 -25.51 -8.63
C VAL D 143 42.70 -26.39 -9.74
N GLU D 144 41.66 -25.87 -10.39
CA GLU D 144 41.06 -26.49 -11.57
C GLU D 144 41.93 -26.24 -12.80
N SER D 145 42.38 -25.00 -12.94
CA SER D 145 43.27 -24.61 -14.03
C SER D 145 43.98 -23.30 -13.67
N GLU D 146 44.74 -22.75 -14.61
CA GLU D 146 45.40 -21.46 -14.41
C GLU D 146 44.42 -20.30 -14.15
N ALA D 147 43.17 -20.45 -14.56
CA ALA D 147 42.17 -19.38 -14.44
C ALA D 147 40.97 -19.75 -13.55
N HIS D 148 41.13 -20.77 -12.70
CA HIS D 148 40.00 -21.23 -11.86
C HIS D 148 40.47 -21.99 -10.61
N VAL D 149 40.06 -21.50 -9.45
CA VAL D 149 40.30 -22.19 -8.18
C VAL D 149 38.99 -22.47 -7.42
N LYS D 150 39.03 -23.44 -6.52
CA LYS D 150 37.86 -23.79 -5.71
C LYS D 150 38.26 -24.06 -4.26
N ILE D 151 37.40 -23.67 -3.34
CA ILE D 151 37.59 -23.93 -1.92
C ILE D 151 37.27 -25.39 -1.63
N ALA D 152 38.07 -26.03 -0.79
CA ALA D 152 37.87 -27.43 -0.42
C ALA D 152 37.98 -27.65 1.10
N ASP D 153 37.85 -28.91 1.52
CA ASP D 153 38.00 -29.34 2.90
C ASP D 153 37.04 -28.65 3.87
N PHE D 154 35.83 -29.19 3.97
CA PHE D 154 34.82 -28.66 4.88
C PHE D 154 34.67 -29.52 6.13
N GLY D 155 35.73 -30.24 6.48
CA GLY D 155 35.71 -31.11 7.66
C GLY D 155 35.48 -30.40 8.97
N LEU D 156 35.97 -29.16 9.06
CA LEU D 156 35.81 -28.33 10.27
C LEU D 156 34.69 -27.31 10.11
N ALA D 157 33.94 -27.37 9.02
CA ALA D 157 32.95 -26.34 8.72
C ALA D 157 31.75 -26.42 9.66
N LYS D 158 31.28 -25.27 10.12
CA LYS D 158 30.13 -25.20 11.01
C LYS D 158 29.03 -24.37 10.37
N LEU D 159 27.79 -24.78 10.61
CA LEU D 159 26.62 -24.02 10.21
C LEU D 159 26.15 -23.15 11.37
N LEU D 160 25.90 -21.88 11.07
CA LEU D 160 25.45 -20.93 12.10
C LEU D 160 24.08 -21.33 12.60
N PRO D 161 23.84 -21.22 13.91
CA PRO D 161 22.48 -21.49 14.38
C PRO D 161 21.51 -20.51 13.73
N LEU D 162 20.32 -20.99 13.39
CA LEU D 162 19.34 -20.18 12.65
C LEU D 162 19.05 -18.83 13.33
N ASP D 163 19.23 -18.76 14.64
CA ASP D 163 18.98 -17.55 15.42
C ASP D 163 20.24 -16.77 15.85
N LYS D 164 21.40 -17.13 15.30
CA LYS D 164 22.69 -16.56 15.74
C LYS D 164 23.66 -16.31 14.59
N ASP D 165 24.49 -15.27 14.72
CA ASP D 165 25.48 -14.91 13.69
C ASP D 165 26.88 -15.46 13.99
N VAL D 168 30.29 -20.62 18.94
CA VAL D 168 31.38 -20.96 19.84
C VAL D 168 31.73 -22.42 19.59
N VAL D 169 33.02 -22.75 19.71
CA VAL D 169 33.48 -24.11 19.49
C VAL D 169 34.40 -24.57 20.62
N SER D 175 43.05 -25.70 12.47
CA SER D 175 43.79 -26.12 13.66
C SER D 175 45.10 -25.35 13.86
N PRO D 176 45.80 -24.99 12.76
CA PRO D 176 46.93 -24.07 12.86
C PRO D 176 46.49 -22.66 13.27
N ILE D 177 47.17 -22.08 14.24
CA ILE D 177 46.72 -20.86 14.93
C ILE D 177 46.92 -19.56 14.16
N PHE D 178 47.78 -19.57 13.15
CA PHE D 178 48.17 -18.34 12.45
C PHE D 178 47.14 -17.84 11.41
N TRP D 179 46.03 -18.57 11.29
CA TRP D 179 44.91 -18.15 10.44
C TRP D 179 43.66 -17.74 11.24
N TYR D 180 43.70 -17.94 12.56
CA TYR D 180 42.55 -17.63 13.41
C TYR D 180 42.43 -16.15 13.73
N ALA D 181 41.19 -15.70 13.93
CA ALA D 181 40.93 -14.34 14.39
C ALA D 181 41.17 -14.26 15.89
N PRO D 182 41.42 -13.05 16.42
CA PRO D 182 41.64 -12.84 17.85
C PRO D 182 40.56 -13.45 18.74
N GLU D 183 39.29 -13.23 18.38
CA GLU D 183 38.17 -13.75 19.17
C GLU D 183 38.12 -15.28 19.14
N SER D 184 38.60 -15.87 18.04
CA SER D 184 38.71 -17.32 17.93
C SER D 184 39.82 -17.85 18.83
N LEU D 185 40.96 -17.16 18.85
CA LEU D 185 42.08 -17.52 19.72
C LEU D 185 41.70 -17.43 21.19
N SER D 186 41.05 -16.34 21.58
CA SER D 186 40.75 -16.05 22.98
C SER D 186 39.52 -16.80 23.49
N ASP D 187 38.41 -16.73 22.77
CA ASP D 187 37.13 -17.28 23.25
C ASP D 187 36.47 -18.31 22.33
N ASN D 188 37.24 -18.89 21.42
CA ASN D 188 36.76 -19.97 20.54
C ASN D 188 35.52 -19.60 19.72
N ILE D 189 35.37 -18.31 19.42
CA ILE D 189 34.23 -17.80 18.67
C ILE D 189 34.60 -17.78 17.21
N PHE D 190 33.73 -18.36 16.39
CA PHE D 190 33.91 -18.37 14.94
C PHE D 190 32.65 -17.82 14.29
N SER D 191 32.85 -17.13 13.16
CA SER D 191 31.76 -16.46 12.47
C SER D 191 32.17 -16.26 11.01
N ARG D 192 31.27 -15.66 10.24
CA ARG D 192 31.63 -15.23 8.88
C ARG D 192 32.80 -14.26 8.96
N GLN D 193 32.79 -13.43 9.99
CA GLN D 193 33.84 -12.43 10.19
C GLN D 193 35.19 -13.09 10.53
N SER D 194 35.17 -14.22 11.24
CA SER D 194 36.42 -14.94 11.51
C SER D 194 36.96 -15.59 10.23
N ASP D 195 36.06 -15.94 9.31
CA ASP D 195 36.46 -16.38 7.98
C ASP D 195 37.11 -15.23 7.19
N VAL D 196 36.60 -14.02 7.39
CA VAL D 196 37.18 -12.84 6.73
C VAL D 196 38.62 -12.63 7.17
N TRP D 197 38.86 -12.66 8.49
CA TRP D 197 40.22 -12.57 9.00
C TRP D 197 41.14 -13.53 8.25
N SER D 198 40.68 -14.76 8.09
CA SER D 198 41.43 -15.80 7.40
C SER D 198 41.64 -15.50 5.90
N PHE D 199 40.66 -14.86 5.27
CA PHE D 199 40.80 -14.45 3.88
C PHE D 199 41.91 -13.41 3.71
N GLY D 200 42.12 -12.58 4.73
CA GLY D 200 43.26 -11.67 4.76
C GLY D 200 44.56 -12.43 4.72
N VAL D 201 44.62 -13.56 5.42
CA VAL D 201 45.81 -14.38 5.45
C VAL D 201 46.02 -15.10 4.11
N VAL D 202 44.95 -15.52 3.43
CA VAL D 202 45.15 -16.18 2.12
C VAL D 202 45.60 -15.16 1.08
N LEU D 203 45.10 -13.93 1.16
CA LEU D 203 45.59 -12.84 0.33
C LEU D 203 47.10 -12.68 0.51
N TYR D 204 47.55 -12.70 1.77
CA TYR D 204 48.99 -12.66 2.08
C TYR D 204 49.71 -13.85 1.44
N GLU D 205 49.15 -15.03 1.60
CA GLU D 205 49.71 -16.24 0.99
C GLU D 205 49.79 -16.11 -0.54
N LEU D 206 48.70 -15.64 -1.14
CA LEU D 206 48.66 -15.43 -2.58
C LEU D 206 49.83 -14.55 -3.04
N PHE D 207 49.96 -13.37 -2.42
CA PHE D 207 50.95 -12.38 -2.84
C PHE D 207 52.36 -12.57 -2.26
N THR D 208 52.55 -13.66 -1.51
CA THR D 208 53.89 -14.17 -1.21
C THR D 208 54.20 -15.42 -2.05
N TYR D 209 53.22 -15.87 -2.84
CA TYR D 209 53.29 -17.15 -3.57
C TYR D 209 53.54 -18.34 -2.62
N CYS D 210 53.01 -18.25 -1.40
CA CYS D 210 53.17 -19.28 -0.37
C CYS D 210 54.64 -19.63 -0.13
N ASP D 211 55.49 -18.62 -0.17
CA ASP D 211 56.91 -18.80 0.11
C ASP D 211 57.06 -19.23 1.57
N LYS D 212 57.87 -20.26 1.80
CA LYS D 212 58.03 -20.84 3.13
C LYS D 212 58.76 -19.89 4.07
N SER D 213 59.70 -19.12 3.52
CA SER D 213 60.52 -18.19 4.30
C SER D 213 59.68 -17.13 5.00
N CYS D 214 58.85 -16.42 4.24
CA CYS D 214 57.99 -15.37 4.78
C CYS D 214 56.55 -15.85 4.94
N SER D 215 56.38 -17.09 5.40
CA SER D 215 55.07 -17.65 5.65
C SER D 215 54.45 -17.02 6.89
N PRO D 216 53.11 -17.10 7.02
CA PRO D 216 52.45 -16.66 8.25
C PRO D 216 53.08 -17.22 9.52
N SER D 217 53.31 -18.53 9.54
CA SER D 217 53.94 -19.20 10.68
C SER D 217 55.32 -18.60 10.99
N ALA D 218 56.13 -18.43 9.95
CA ALA D 218 57.49 -17.91 10.09
C ALA D 218 57.53 -16.49 10.65
N GLU D 219 56.53 -15.68 10.29
CA GLU D 219 56.46 -14.29 10.72
C GLU D 219 55.42 -14.11 11.83
N LEU D 233 50.14 -19.40 21.40
CA LEU D 233 48.75 -18.95 21.31
C LEU D 233 48.56 -17.63 22.05
N SER D 234 48.86 -17.62 23.35
CA SER D 234 48.78 -16.41 24.17
C SER D 234 49.83 -15.38 23.73
N ARG D 235 50.93 -15.88 23.17
CA ARG D 235 51.97 -15.04 22.57
C ARG D 235 51.41 -14.30 21.36
N LEU D 236 50.88 -15.07 20.41
CA LEU D 236 50.28 -14.52 19.19
C LEU D 236 49.12 -13.59 19.54
N LEU D 237 48.22 -14.06 20.40
CA LEU D 237 47.04 -13.30 20.84
C LEU D 237 47.39 -11.93 21.41
N GLU D 238 48.43 -11.89 22.24
CA GLU D 238 48.92 -10.64 22.80
C GLU D 238 49.41 -9.71 21.69
N LEU D 239 50.14 -10.28 20.74
CA LEU D 239 50.69 -9.53 19.61
C LEU D 239 49.59 -8.91 18.76
N LEU D 240 48.55 -9.68 18.49
CA LEU D 240 47.41 -9.23 17.70
C LEU D 240 46.59 -8.15 18.42
N GLU D 241 46.40 -8.33 19.73
CA GLU D 241 45.73 -7.32 20.55
C GLU D 241 46.52 -6.01 20.58
N GLU D 242 47.85 -6.12 20.64
CA GLU D 242 48.72 -4.94 20.62
C GLU D 242 48.60 -4.14 19.32
N GLY D 243 48.23 -4.80 18.23
CA GLY D 243 48.00 -4.13 16.96
C GLY D 243 48.93 -4.54 15.82
N GLN D 244 49.95 -5.35 16.14
CA GLN D 244 50.92 -5.78 15.12
C GLN D 244 50.32 -6.81 14.17
N ARG D 245 50.55 -6.60 12.88
CA ARG D 245 50.04 -7.46 11.82
C ARG D 245 51.17 -7.94 10.92
N LEU D 246 50.89 -8.98 10.14
CA LEU D 246 51.83 -9.45 9.12
C LEU D 246 52.21 -8.28 8.20
N PRO D 247 53.45 -8.27 7.70
CA PRO D 247 53.87 -7.18 6.81
C PRO D 247 53.30 -7.31 5.41
N ALA D 248 53.36 -6.21 4.65
CA ALA D 248 52.99 -6.22 3.25
C ALA D 248 53.95 -7.15 2.51
N PRO D 249 53.42 -8.16 1.79
CA PRO D 249 54.30 -9.03 1.00
C PRO D 249 55.19 -8.22 0.05
N PRO D 250 56.43 -8.67 -0.19
CA PRO D 250 57.28 -7.96 -1.13
C PRO D 250 56.61 -7.77 -2.49
N ALA D 251 56.74 -6.59 -3.07
CA ALA D 251 56.17 -6.26 -4.38
C ALA D 251 54.64 -6.30 -4.42
N CYS D 252 54.00 -6.16 -3.25
CA CYS D 252 52.54 -6.19 -3.15
C CYS D 252 51.97 -4.81 -3.41
N PRO D 253 50.95 -4.71 -4.29
CA PRO D 253 50.32 -3.40 -4.50
C PRO D 253 49.72 -2.86 -3.20
N ALA D 254 49.89 -1.56 -2.95
CA ALA D 254 49.44 -0.93 -1.71
C ALA D 254 47.96 -1.18 -1.46
N GLU D 255 47.15 -1.07 -2.49
CA GLU D 255 45.70 -1.25 -2.38
C GLU D 255 45.35 -2.64 -1.87
N VAL D 256 46.08 -3.65 -2.34
CA VAL D 256 45.83 -5.03 -1.90
C VAL D 256 46.22 -5.19 -0.44
N HIS D 257 47.34 -4.60 -0.02
CA HIS D 257 47.75 -4.61 1.39
C HIS D 257 46.69 -3.96 2.28
N GLU D 258 46.11 -2.85 1.81
CA GLU D 258 45.02 -2.18 2.53
C GLU D 258 43.83 -3.11 2.74
N LEU D 259 43.46 -3.88 1.72
CA LEU D 259 42.37 -4.85 1.85
C LEU D 259 42.67 -5.95 2.87
N MET D 260 43.95 -6.33 3.01
CA MET D 260 44.36 -7.29 4.03
C MET D 260 44.17 -6.69 5.42
N LYS D 261 44.64 -5.46 5.59
CA LYS D 261 44.55 -4.77 6.87
C LYS D 261 43.10 -4.58 7.32
N LEU D 262 42.19 -4.38 6.37
CA LEU D 262 40.77 -4.28 6.68
C LEU D 262 40.22 -5.61 7.18
N CYS D 263 40.62 -6.71 6.53
CA CYS D 263 40.22 -8.05 6.96
C CYS D 263 40.67 -8.38 8.39
N TRP D 264 41.79 -7.78 8.81
CA TRP D 264 42.33 -7.98 10.16
C TRP D 264 42.00 -6.82 11.09
N ALA D 265 40.77 -6.33 11.07
CA ALA D 265 40.36 -5.30 12.04
C ALA D 265 40.22 -5.98 13.42
N PRO D 266 40.49 -5.24 14.51
CA PRO D 266 40.38 -5.85 15.84
C PRO D 266 39.00 -6.43 16.12
N SER D 267 37.96 -5.63 15.88
CA SER D 267 36.58 -6.03 16.11
C SER D 267 36.01 -6.74 14.88
N PRO D 268 35.29 -7.85 15.08
CA PRO D 268 34.62 -8.53 13.95
C PRO D 268 33.72 -7.61 13.12
N GLN D 269 32.93 -6.76 13.78
CA GLN D 269 32.00 -5.86 13.10
C GLN D 269 32.66 -4.81 12.21
N ASP D 270 33.94 -4.54 12.42
CA ASP D 270 34.67 -3.54 11.63
C ASP D 270 35.32 -4.14 10.37
N ARG D 271 35.26 -5.47 10.23
CA ARG D 271 35.78 -6.13 9.04
C ARG D 271 34.78 -6.02 7.90
N PRO D 272 35.28 -5.93 6.66
CA PRO D 272 34.38 -5.88 5.53
C PRO D 272 33.77 -7.26 5.29
N SER D 273 32.55 -7.31 4.80
CA SER D 273 31.96 -8.59 4.41
C SER D 273 32.55 -8.99 3.07
N PHE D 274 32.45 -10.26 2.72
CA PHE D 274 32.90 -10.72 1.43
C PHE D 274 32.22 -9.97 0.27
N SER D 275 30.97 -9.56 0.49
CA SER D 275 30.22 -8.78 -0.50
C SER D 275 30.82 -7.40 -0.75
N ALA D 276 31.37 -6.80 0.30
CA ALA D 276 32.08 -5.53 0.19
C ALA D 276 33.51 -5.73 -0.34
N LEU D 277 34.10 -6.89 -0.06
CA LEU D 277 35.47 -7.18 -0.54
C LEU D 277 35.54 -7.51 -2.03
N GLY D 278 34.52 -8.20 -2.54
CA GLY D 278 34.50 -8.64 -3.94
C GLY D 278 34.75 -7.54 -4.95
N PRO D 279 33.88 -6.51 -4.96
CA PRO D 279 34.02 -5.38 -5.87
C PRO D 279 35.35 -4.63 -5.74
N GLN D 280 35.87 -4.52 -4.53
CA GLN D 280 37.14 -3.83 -4.33
C GLN D 280 38.30 -4.62 -4.95
N LEU D 281 38.21 -5.94 -4.92
CA LEU D 281 39.20 -6.80 -5.57
C LEU D 281 39.10 -6.71 -7.07
N ASP D 282 37.88 -6.78 -7.59
CA ASP D 282 37.64 -6.79 -9.04
C ASP D 282 37.93 -5.46 -9.72
N MET D 283 37.81 -4.36 -8.98
CA MET D 283 37.99 -3.03 -9.55
C MET D 283 39.40 -2.45 -9.34
N LEU D 284 40.35 -3.29 -8.91
CA LEU D 284 41.77 -2.92 -8.92
C LEU D 284 42.36 -3.18 -10.30
#